data_9R8X
#
_entry.id   9R8X
#
_cell.length_a   152.491
_cell.length_b   152.491
_cell.length_c   172.422
_cell.angle_alpha   90.00
_cell.angle_beta   90.00
_cell.angle_gamma   120.00
#
_symmetry.space_group_name_H-M   'H 3'
#
loop_
_entity.id
_entity.type
_entity.pdbx_description
1 polymer 'Carbonic anhydrase 9'
2 non-polymer 'ZINC ION'
3 non-polymer 'methyl 4-(2-phenylethylsulfanyl)-3-sulfamoyl-benzoate'
4 water water
#
_entity_poly.entity_id   1
_entity_poly.type   'polypeptide(L)'
_entity_poly.pdbx_seq_one_letter_code
;GDQSHWRYGGDPPWPRVSPACAGRFQSPVDIRPQLAAFSPALRPLELLGFQLPPLPELRLRNNGHSVQLTLPPGLEMALG
PGREYRALQLHLHWGAAGRPGSEHTVEGHRFPAEIHVVHLSTAFARVDEALGRPGGLAVLAAFLEEGPEENSAYEQLLSR
LEEIAEEGSETQVPGLDISALLPSDFSRYFQYEGSLTTPPCAQGVIWTVFQQTVMLSAKQLHTLSDTLWGPGDSRLQLNF
RATQPLNGRVIEASFP
;
_entity_poly.pdbx_strand_id   A,B,C,D
#
# COMPACT_ATOMS: atom_id res chain seq x y z
N VAL A 17 10.94 9.08 26.80
CA VAL A 17 12.10 9.24 25.88
C VAL A 17 11.67 8.99 24.43
N SER A 18 10.43 8.48 24.22
CA SER A 18 9.79 8.42 22.91
C SER A 18 8.36 8.95 23.04
N PRO A 19 8.08 10.22 22.64
CA PRO A 19 6.78 10.85 22.92
C PRO A 19 5.64 10.15 22.17
N ALA A 20 5.98 9.25 21.23
CA ALA A 20 4.92 8.55 20.52
C ALA A 20 4.22 7.53 21.45
N CYS A 21 4.90 7.13 22.52
CA CYS A 21 4.35 6.29 23.59
C CYS A 21 3.16 6.95 24.30
N ALA A 22 3.06 8.27 24.19
CA ALA A 22 1.93 9.04 24.69
C ALA A 22 0.97 9.40 23.56
N GLY A 23 1.00 8.71 22.43
CA GLY A 23 -0.04 8.94 21.41
C GLY A 23 -1.43 8.47 21.88
N ARG A 24 -2.45 8.79 21.11
CA ARG A 24 -3.82 8.52 21.50
C ARG A 24 -4.27 7.09 21.21
N PHE A 25 -3.59 6.38 20.29
CA PHE A 25 -4.08 5.08 19.81
C PHE A 25 -3.04 4.00 20.02
N GLN A 26 -2.77 3.70 21.29
CA GLN A 26 -1.75 2.79 21.71
C GLN A 26 -2.32 1.39 22.00
N SER A 27 -1.40 0.44 22.06
CA SER A 27 -1.63 -0.93 22.45
C SER A 27 -0.79 -1.25 23.70
N PRO A 28 -1.12 -2.28 24.49
CA PRO A 28 -2.28 -3.15 24.33
C PRO A 28 -3.52 -2.51 24.93
N VAL A 29 -4.65 -3.23 24.81
CA VAL A 29 -5.93 -2.74 25.30
C VAL A 29 -6.69 -3.87 26.03
N ASP A 30 -7.68 -3.49 26.83
CA ASP A 30 -8.64 -4.41 27.43
C ASP A 30 -9.75 -4.71 26.44
N ILE A 31 -9.96 -6.01 26.15
CA ILE A 31 -11.01 -6.45 25.27
C ILE A 31 -12.25 -6.73 26.12
N ARG A 32 -13.36 -6.13 25.69
CA ARG A 32 -14.68 -6.30 26.28
C ARG A 32 -15.59 -6.85 25.21
N PRO A 33 -15.69 -8.19 25.10
CA PRO A 33 -16.41 -8.77 23.98
C PRO A 33 -17.79 -8.21 23.75
N GLN A 34 -18.51 -7.84 24.85
CA GLN A 34 -19.91 -7.45 24.64
C GLN A 34 -19.98 -6.12 23.92
N LEU A 35 -18.87 -5.37 23.96
CA LEU A 35 -18.78 -4.08 23.28
C LEU A 35 -18.05 -4.17 21.94
N ALA A 36 -17.59 -5.38 21.54
CA ALA A 36 -16.98 -5.48 20.22
C ALA A 36 -18.05 -5.31 19.14
N ALA A 37 -17.71 -4.75 17.97
CA ALA A 37 -18.59 -4.70 16.82
C ALA A 37 -18.39 -5.95 15.94
N PHE A 38 -19.47 -6.73 15.72
CA PHE A 38 -19.42 -7.88 14.83
C PHE A 38 -19.37 -7.34 13.41
N SER A 39 -18.39 -7.72 12.60
CA SER A 39 -18.48 -7.37 11.18
C SER A 39 -18.26 -8.65 10.45
N PRO A 40 -19.31 -9.07 9.75
CA PRO A 40 -19.25 -10.26 8.93
C PRO A 40 -18.25 -10.11 7.81
N ALA A 41 -17.71 -8.91 7.52
CA ALA A 41 -16.73 -8.83 6.44
C ALA A 41 -15.37 -9.42 6.87
N LEU A 42 -15.14 -9.63 8.17
CA LEU A 42 -13.89 -10.20 8.65
C LEU A 42 -13.87 -11.71 8.39
N ARG A 43 -13.07 -12.14 7.42
CA ARG A 43 -13.03 -13.52 6.95
C ARG A 43 -11.95 -14.30 7.72
N PRO A 44 -11.94 -15.65 7.68
CA PRO A 44 -10.87 -16.43 8.29
C PRO A 44 -9.48 -15.99 7.85
N LEU A 45 -8.56 -15.91 8.81
CA LEU A 45 -7.17 -15.60 8.54
C LEU A 45 -6.60 -16.67 7.63
N GLU A 46 -5.79 -16.26 6.66
CA GLU A 46 -5.06 -17.21 5.80
C GLU A 46 -3.58 -17.10 6.09
N LEU A 47 -2.98 -18.24 6.50
CA LEU A 47 -1.59 -18.35 6.90
C LEU A 47 -0.92 -19.47 6.08
N LEU A 48 -0.20 -19.11 5.01
CA LEU A 48 0.47 -20.08 4.14
C LEU A 48 1.97 -20.00 4.33
N GLY A 49 2.60 -21.19 4.22
CA GLY A 49 4.03 -21.33 4.27
C GLY A 49 4.57 -21.36 5.67
N PHE A 50 3.71 -21.61 6.67
CA PHE A 50 4.18 -21.57 8.05
C PHE A 50 4.75 -22.91 8.54
N GLN A 51 4.59 -23.98 7.78
CA GLN A 51 5.06 -25.29 8.24
C GLN A 51 6.52 -25.44 7.79
N LEU A 52 7.46 -24.96 8.61
CA LEU A 52 8.86 -24.89 8.20
C LEU A 52 9.49 -26.29 8.31
N PRO A 53 10.39 -26.63 7.37
CA PRO A 53 11.17 -27.87 7.43
C PRO A 53 12.27 -27.71 8.47
N PRO A 54 12.91 -28.83 8.91
CA PRO A 54 13.92 -28.76 9.95
C PRO A 54 15.13 -27.92 9.55
N LEU A 55 15.37 -27.78 8.24
CA LEU A 55 16.47 -26.97 7.74
C LEU A 55 15.98 -26.04 6.63
N PRO A 56 16.43 -24.76 6.58
CA PRO A 56 17.42 -24.20 7.52
C PRO A 56 16.95 -23.90 8.95
N GLU A 57 17.93 -23.73 9.83
CA GLU A 57 17.68 -23.39 11.22
C GLU A 57 17.33 -21.90 11.36
N LEU A 58 16.80 -21.54 12.53
CA LEU A 58 16.30 -20.20 12.79
C LEU A 58 17.01 -19.65 14.00
N ARG A 59 17.24 -18.34 13.99
CA ARG A 59 17.84 -17.64 15.12
C ARG A 59 16.81 -17.40 16.21
N LEU A 60 17.15 -17.82 17.45
CA LEU A 60 16.39 -17.54 18.67
C LEU A 60 17.28 -16.70 19.58
N ARG A 61 16.77 -15.61 20.14
CA ARG A 61 17.64 -14.64 20.77
C ARG A 61 16.97 -14.08 22.02
N ASN A 62 17.76 -13.96 23.09
CA ASN A 62 17.37 -13.21 24.26
C ASN A 62 17.87 -11.79 24.03
N ASN A 63 16.94 -10.85 23.82
CA ASN A 63 17.29 -9.47 23.55
C ASN A 63 17.14 -8.63 24.80
N GLY A 64 16.87 -9.28 25.93
CA GLY A 64 16.73 -8.57 27.19
C GLY A 64 15.33 -8.00 27.44
N HIS A 65 14.46 -8.01 26.43
CA HIS A 65 13.07 -7.60 26.59
C HIS A 65 12.14 -8.79 26.38
N SER A 66 12.50 -9.72 25.47
CA SER A 66 11.75 -10.95 25.27
C SER A 66 12.71 -11.97 24.67
N VAL A 67 12.18 -13.16 24.35
CA VAL A 67 12.81 -14.12 23.46
C VAL A 67 12.18 -13.99 22.08
N GLN A 68 13.02 -13.83 21.05
CA GLN A 68 12.55 -13.58 19.69
C GLN A 68 13.14 -14.62 18.74
N LEU A 69 12.24 -15.21 17.95
CA LEU A 69 12.57 -16.07 16.84
C LEU A 69 12.43 -15.34 15.52
N THR A 70 13.52 -15.31 14.75
CA THR A 70 13.52 -14.74 13.42
C THR A 70 12.88 -15.74 12.47
N LEU A 71 12.01 -15.26 11.62
CA LEU A 71 11.33 -16.12 10.71
C LEU A 71 11.92 -15.91 9.34
N PRO A 72 11.99 -16.96 8.51
CA PRO A 72 12.51 -16.82 7.15
C PRO A 72 11.47 -16.19 6.23
N PRO A 73 11.86 -15.86 4.98
CA PRO A 73 10.92 -15.53 3.93
C PRO A 73 9.94 -16.66 3.66
N GLY A 74 8.79 -16.27 3.11
CA GLY A 74 7.82 -17.19 2.56
C GLY A 74 6.60 -17.45 3.45
N LEU A 75 6.52 -16.81 4.61
CA LEU A 75 5.37 -16.99 5.51
C LEU A 75 4.37 -15.90 5.19
N GLU A 76 3.38 -16.24 4.39
CA GLU A 76 2.41 -15.30 3.85
C GLU A 76 1.11 -15.39 4.67
N MET A 77 0.51 -14.22 4.91
CA MET A 77 -0.64 -14.02 5.78
C MET A 77 -1.53 -12.94 5.16
N ALA A 78 -2.84 -13.20 5.09
CA ALA A 78 -3.81 -12.24 4.61
C ALA A 78 -4.87 -12.00 5.69
N LEU A 79 -5.19 -10.72 5.89
CA LEU A 79 -6.28 -10.30 6.78
C LEU A 79 -7.57 -10.12 5.96
N GLY A 80 -7.44 -10.05 4.64
CA GLY A 80 -8.59 -9.97 3.78
C GLY A 80 -8.14 -10.01 2.32
N PRO A 81 -9.09 -9.92 1.38
CA PRO A 81 -8.74 -9.93 -0.03
C PRO A 81 -7.78 -8.81 -0.41
N GLY A 82 -6.61 -9.18 -0.94
CA GLY A 82 -5.59 -8.22 -1.30
C GLY A 82 -4.91 -7.53 -0.11
N ARG A 83 -5.13 -8.00 1.12
CA ARG A 83 -4.45 -7.39 2.26
C ARG A 83 -3.46 -8.41 2.82
N GLU A 84 -2.28 -8.46 2.20
CA GLU A 84 -1.25 -9.47 2.47
C GLU A 84 -0.03 -8.88 3.17
N TYR A 85 0.56 -9.81 3.93
CA TYR A 85 1.63 -9.64 4.90
C TYR A 85 2.65 -10.79 4.79
N ARG A 86 3.89 -10.54 5.24
CA ARG A 86 4.90 -11.59 5.42
C ARG A 86 5.36 -11.54 6.87
N ALA A 87 5.48 -12.69 7.53
CA ALA A 87 5.90 -12.75 8.92
C ALA A 87 7.39 -12.45 9.06
N LEU A 88 7.77 -11.68 10.08
CA LEU A 88 9.16 -11.29 10.28
C LEU A 88 9.77 -12.06 11.44
N GLN A 89 9.02 -12.12 12.53
CA GLN A 89 9.51 -12.56 13.83
C GLN A 89 8.33 -12.90 14.71
N LEU A 90 8.61 -13.70 15.74
CA LEU A 90 7.67 -13.93 16.83
C LEU A 90 8.40 -13.79 18.16
N HIS A 91 7.67 -13.33 19.17
CA HIS A 91 8.22 -13.20 20.50
C HIS A 91 7.07 -13.40 21.52
N LEU A 92 7.41 -13.40 22.80
CA LEU A 92 6.46 -13.73 23.86
C LEU A 92 6.50 -12.69 24.96
N HIS A 93 5.38 -12.66 25.70
CA HIS A 93 5.19 -11.82 26.87
C HIS A 93 4.70 -12.74 27.97
N TRP A 94 5.28 -12.59 29.17
CA TRP A 94 4.97 -13.52 30.25
C TRP A 94 5.17 -12.85 31.61
N GLY A 95 4.78 -13.56 32.68
CA GLY A 95 4.66 -12.95 33.99
C GLY A 95 5.79 -13.39 34.91
N ALA A 96 5.43 -13.96 36.08
CA ALA A 96 6.39 -14.53 37.03
C ALA A 96 5.63 -15.60 37.83
N ALA A 97 6.30 -16.28 38.76
CA ALA A 97 5.64 -17.38 39.47
C ALA A 97 4.35 -16.87 40.14
N GLY A 98 3.22 -17.48 39.74
CA GLY A 98 1.89 -17.09 40.19
C GLY A 98 1.55 -15.63 39.85
N ARG A 99 2.00 -15.16 38.68
CA ARG A 99 1.61 -13.84 38.20
C ARG A 99 1.46 -13.94 36.68
N PRO A 100 0.28 -13.66 36.11
CA PRO A 100 0.10 -13.68 34.65
C PRO A 100 0.77 -12.48 33.98
N GLY A 101 1.19 -12.65 32.72
CA GLY A 101 1.89 -11.57 32.02
C GLY A 101 1.46 -11.37 30.56
N SER A 102 0.22 -11.71 30.17
CA SER A 102 -0.27 -11.28 28.86
C SER A 102 -0.26 -9.74 28.77
N GLU A 103 -0.26 -9.25 27.52
CA GLU A 103 -0.37 -7.82 27.24
C GLU A 103 -1.84 -7.44 27.12
N HIS A 104 -2.58 -8.08 26.20
CA HIS A 104 -4.02 -7.83 26.14
C HIS A 104 -4.61 -8.47 27.40
N THR A 105 -5.76 -7.92 27.81
CA THR A 105 -6.62 -8.52 28.82
C THR A 105 -8.03 -8.67 28.25
N VAL A 106 -8.85 -9.53 28.88
CA VAL A 106 -10.23 -9.75 28.44
C VAL A 106 -11.09 -9.51 29.69
N GLU A 107 -11.91 -8.45 29.67
CA GLU A 107 -12.74 -8.04 30.79
C GLU A 107 -11.88 -7.95 32.04
N GLY A 108 -10.66 -7.46 31.92
CA GLY A 108 -9.77 -7.29 33.05
C GLY A 108 -8.96 -8.54 33.36
N HIS A 109 -9.23 -9.70 32.76
CA HIS A 109 -8.45 -10.90 33.08
C HIS A 109 -7.15 -10.92 32.26
N ARG A 110 -6.02 -11.04 32.96
CA ARG A 110 -4.69 -11.24 32.40
C ARG A 110 -4.40 -12.74 32.33
N PHE A 111 -4.11 -13.23 31.12
CA PHE A 111 -3.73 -14.61 30.90
C PHE A 111 -2.27 -14.84 31.28
N PRO A 112 -1.86 -16.12 31.49
CA PRO A 112 -0.44 -16.36 31.86
C PRO A 112 0.59 -15.75 30.91
N ALA A 113 0.36 -15.85 29.58
CA ALA A 113 1.34 -15.32 28.65
C ALA A 113 0.66 -15.02 27.32
N GLU A 114 1.42 -14.47 26.37
CA GLU A 114 0.87 -14.07 25.07
C GLU A 114 1.94 -14.22 24.00
N ILE A 115 1.58 -14.73 22.82
CA ILE A 115 2.51 -14.84 21.71
C ILE A 115 2.15 -13.79 20.65
N HIS A 116 3.17 -13.16 20.07
CA HIS A 116 2.99 -12.17 19.02
C HIS A 116 3.79 -12.54 17.79
N VAL A 117 3.11 -12.68 16.66
CA VAL A 117 3.74 -12.93 15.38
C VAL A 117 3.63 -11.64 14.55
N VAL A 118 4.78 -11.02 14.31
CA VAL A 118 4.83 -9.69 13.72
C VAL A 118 5.04 -9.81 12.21
N HIS A 119 4.20 -9.07 11.46
CA HIS A 119 4.25 -9.12 10.03
C HIS A 119 4.39 -7.72 9.40
N LEU A 120 4.94 -7.71 8.18
CA LEU A 120 5.10 -6.55 7.33
C LEU A 120 4.18 -6.65 6.11
N SER A 121 3.44 -5.56 5.82
CA SER A 121 2.65 -5.47 4.61
C SER A 121 3.54 -5.67 3.38
N THR A 122 3.03 -6.40 2.41
CA THR A 122 3.68 -6.63 1.12
C THR A 122 3.73 -5.31 0.37
N ALA A 123 2.96 -4.28 0.80
CA ALA A 123 3.00 -3.02 0.10
C ALA A 123 4.22 -2.19 0.46
N PHE A 124 5.00 -2.61 1.48
CA PHE A 124 6.18 -1.89 1.94
C PHE A 124 7.40 -2.83 1.92
N ALA A 125 8.56 -2.37 1.43
CA ALA A 125 9.71 -3.25 1.27
C ALA A 125 10.54 -3.31 2.55
N ARG A 126 10.39 -2.29 3.40
CA ARG A 126 11.13 -2.19 4.63
C ARG A 126 10.19 -1.87 5.78
N VAL A 127 10.54 -2.33 6.97
CA VAL A 127 9.84 -2.04 8.22
C VAL A 127 9.88 -0.54 8.50
N ASP A 128 11.00 0.16 8.24
CA ASP A 128 11.07 1.58 8.63
C ASP A 128 10.11 2.45 7.82
N GLU A 129 9.80 2.04 6.61
CA GLU A 129 8.79 2.72 5.80
C GLU A 129 7.38 2.46 6.34
N ALA A 130 7.20 1.32 7.02
CA ALA A 130 5.87 0.86 7.42
C ALA A 130 5.48 1.44 8.79
N LEU A 131 6.48 1.75 9.63
CA LEU A 131 6.29 2.28 10.98
C LEU A 131 5.50 3.58 10.90
N GLY A 132 4.34 3.63 11.58
CA GLY A 132 3.53 4.82 11.62
C GLY A 132 2.53 4.91 10.47
N ARG A 133 2.60 3.98 9.50
CA ARG A 133 1.70 4.04 8.37
C ARG A 133 0.55 3.08 8.66
N PRO A 134 -0.69 3.40 8.27
CA PRO A 134 -1.84 2.54 8.61
C PRO A 134 -1.74 1.18 7.92
N GLY A 135 -1.81 0.14 8.74
CA GLY A 135 -1.69 -1.25 8.31
C GLY A 135 -0.33 -1.66 7.74
N GLY A 136 0.72 -0.85 7.94
CA GLY A 136 2.07 -1.23 7.58
C GLY A 136 2.54 -2.52 8.25
N LEU A 137 2.36 -2.62 9.57
CA LEU A 137 2.58 -3.81 10.36
C LEU A 137 1.24 -4.40 10.84
N ALA A 138 1.22 -5.72 10.92
CA ALA A 138 0.14 -6.50 11.52
C ALA A 138 0.74 -7.51 12.44
N VAL A 139 0.15 -7.62 13.65
CA VAL A 139 0.54 -8.61 14.62
C VAL A 139 -0.62 -9.56 14.89
N LEU A 140 -0.31 -10.88 14.83
CA LEU A 140 -1.23 -11.91 15.32
C LEU A 140 -0.89 -12.22 16.77
N ALA A 141 -1.90 -12.14 17.68
CA ALA A 141 -1.68 -12.32 19.10
C ALA A 141 -2.54 -13.47 19.62
N ALA A 142 -1.96 -14.34 20.47
CA ALA A 142 -2.75 -15.41 21.08
C ALA A 142 -2.40 -15.51 22.54
N PHE A 143 -3.41 -15.77 23.38
CA PHE A 143 -3.18 -15.95 24.81
C PHE A 143 -2.71 -17.37 25.04
N LEU A 144 -1.76 -17.52 25.97
CA LEU A 144 -1.28 -18.81 26.44
C LEU A 144 -1.89 -19.05 27.82
N GLU A 145 -2.52 -20.22 28.01
CA GLU A 145 -3.13 -20.53 29.31
C GLU A 145 -2.58 -21.85 29.87
N GLU A 146 -2.85 -22.08 31.16
CA GLU A 146 -2.40 -23.33 31.78
C GLU A 146 -3.35 -24.51 31.49
N GLY A 147 -2.80 -25.60 30.98
CA GLY A 147 -3.57 -26.83 30.79
C GLY A 147 -2.78 -28.02 31.32
N PRO A 148 -3.38 -29.21 31.34
CA PRO A 148 -2.73 -30.37 31.95
C PRO A 148 -1.66 -31.07 31.07
N GLU A 149 -1.79 -30.98 29.75
CA GLU A 149 -0.84 -31.61 28.84
C GLU A 149 0.35 -30.68 28.56
N GLU A 150 1.51 -31.30 28.36
CA GLU A 150 2.66 -30.59 27.81
C GLU A 150 2.41 -30.28 26.32
N ASN A 151 2.73 -29.06 25.90
CA ASN A 151 2.47 -28.61 24.55
C ASN A 151 3.69 -28.93 23.69
N SER A 152 3.53 -29.76 22.65
CA SER A 152 4.69 -30.17 21.86
C SER A 152 5.28 -28.99 21.08
N ALA A 153 4.43 -28.16 20.48
CA ALA A 153 4.90 -27.05 19.65
C ALA A 153 5.79 -26.13 20.48
N TYR A 154 5.29 -25.69 21.64
CA TYR A 154 6.01 -24.75 22.46
C TYR A 154 7.29 -25.35 23.05
N GLU A 155 7.33 -26.68 23.21
CA GLU A 155 8.50 -27.36 23.80
C GLU A 155 9.74 -27.09 22.96
N GLN A 156 9.60 -27.09 21.62
CA GLN A 156 10.68 -26.79 20.70
C GLN A 156 11.38 -25.48 21.06
N LEU A 157 10.64 -24.49 21.59
CA LEU A 157 11.23 -23.22 21.93
C LEU A 157 11.63 -23.21 23.39
N LEU A 158 10.77 -23.71 24.28
CA LEU A 158 11.03 -23.62 25.71
C LEU A 158 12.27 -24.44 26.10
N SER A 159 12.46 -25.58 25.43
CA SER A 159 13.56 -26.48 25.74
C SER A 159 14.92 -25.86 25.38
N ARG A 160 14.93 -24.71 24.70
CA ARG A 160 16.17 -24.10 24.21
C ARG A 160 16.51 -22.80 24.92
N LEU A 161 15.70 -22.42 25.93
CA LEU A 161 15.87 -21.15 26.61
C LEU A 161 17.11 -21.15 27.52
N GLU A 162 17.45 -22.32 28.09
CA GLU A 162 18.56 -22.40 29.04
C GLU A 162 19.83 -21.88 28.38
N GLU A 163 20.07 -22.32 27.14
CA GLU A 163 21.19 -21.91 26.31
C GLU A 163 21.24 -20.40 26.07
N ILE A 164 20.13 -19.67 26.19
CA ILE A 164 20.16 -18.25 25.85
C ILE A 164 19.75 -17.44 27.09
N ALA A 165 20.06 -17.95 28.29
CA ALA A 165 19.63 -17.31 29.52
C ALA A 165 20.34 -15.95 29.73
N GLU A 166 21.52 -15.76 29.14
CA GLU A 166 22.22 -14.48 29.26
C GLU A 166 21.59 -13.47 28.30
N GLU A 167 21.27 -12.29 28.85
CA GLU A 167 20.93 -11.13 28.05
C GLU A 167 21.87 -11.04 26.85
N GLY A 168 21.31 -10.97 25.63
CA GLY A 168 22.12 -10.73 24.44
C GLY A 168 22.61 -12.02 23.78
N SER A 169 22.34 -13.15 24.44
CA SER A 169 22.69 -14.48 23.96
C SER A 169 21.78 -14.93 22.83
N GLU A 170 22.27 -15.82 21.95
CA GLU A 170 21.43 -16.44 20.93
C GLU A 170 21.82 -17.89 20.60
N THR A 171 20.96 -18.59 19.85
CA THR A 171 21.18 -19.96 19.43
C THR A 171 20.44 -20.18 18.12
N GLN A 172 20.78 -21.27 17.41
CA GLN A 172 20.09 -21.68 16.20
C GLN A 172 19.17 -22.83 16.57
N VAL A 173 17.90 -22.80 16.08
CA VAL A 173 16.97 -23.88 16.39
C VAL A 173 16.47 -24.46 15.09
N PRO A 174 16.12 -25.75 15.06
CA PRO A 174 15.50 -26.34 13.88
C PRO A 174 14.19 -25.65 13.50
N GLY A 175 13.90 -25.70 12.20
CA GLY A 175 12.63 -25.27 11.67
C GLY A 175 11.48 -26.01 12.36
N LEU A 176 10.38 -25.28 12.56
CA LEU A 176 9.20 -25.80 13.25
C LEU A 176 7.94 -25.26 12.58
N ASP A 177 6.82 -25.91 12.88
CA ASP A 177 5.56 -25.48 12.32
C ASP A 177 5.08 -24.29 13.18
N ILE A 178 5.26 -23.09 12.66
CA ILE A 178 4.89 -21.89 13.42
C ILE A 178 3.38 -21.85 13.67
N SER A 179 2.60 -22.34 12.71
CA SER A 179 1.14 -22.32 12.80
C SER A 179 0.62 -23.22 13.92
N ALA A 180 1.42 -24.22 14.34
CA ALA A 180 1.04 -25.07 15.46
C ALA A 180 1.07 -24.34 16.79
N LEU A 181 1.77 -23.19 16.84
CA LEU A 181 1.80 -22.35 18.04
C LEU A 181 0.51 -21.54 18.24
N LEU A 182 -0.42 -21.59 17.27
CA LEU A 182 -1.57 -20.72 17.26
C LEU A 182 -2.85 -21.49 17.57
N PRO A 183 -3.95 -20.79 17.96
CA PRO A 183 -5.20 -21.49 18.30
C PRO A 183 -5.90 -22.18 17.14
N SER A 184 -6.95 -22.89 17.51
CA SER A 184 -7.64 -23.79 16.62
C SER A 184 -8.40 -23.09 15.50
N ASP A 185 -9.18 -22.04 15.79
CA ASP A 185 -10.16 -21.55 14.83
C ASP A 185 -9.70 -20.21 14.28
N PHE A 186 -9.26 -20.18 13.02
CA PHE A 186 -8.75 -18.95 12.41
C PHE A 186 -9.89 -17.99 11.99
N SER A 187 -11.16 -18.38 12.23
CA SER A 187 -12.34 -17.59 11.88
C SER A 187 -12.81 -16.73 13.04
N ARG A 188 -12.16 -16.85 14.21
CA ARG A 188 -12.70 -16.31 15.46
C ARG A 188 -11.64 -15.43 16.10
N TYR A 189 -11.77 -14.10 15.90
CA TYR A 189 -10.77 -13.17 16.39
C TYR A 189 -11.38 -11.78 16.63
N PHE A 190 -10.66 -10.99 17.43
CA PHE A 190 -10.91 -9.57 17.57
C PHE A 190 -9.83 -8.81 16.80
N GLN A 191 -10.11 -7.56 16.40
CA GLN A 191 -9.22 -6.77 15.57
C GLN A 191 -9.42 -5.27 15.84
N TYR A 192 -8.28 -4.56 15.91
CA TYR A 192 -8.30 -3.11 16.08
C TYR A 192 -6.95 -2.58 15.61
N GLU A 193 -6.87 -1.27 15.54
CA GLU A 193 -5.65 -0.57 15.18
C GLU A 193 -5.04 0.14 16.39
N GLY A 194 -3.74 -0.08 16.62
CA GLY A 194 -3.02 0.43 17.75
C GLY A 194 -1.53 0.61 17.42
N SER A 195 -0.68 0.18 18.34
CA SER A 195 0.70 0.60 18.32
C SER A 195 1.58 -0.60 18.65
N LEU A 196 2.87 -0.45 18.39
CA LEU A 196 3.87 -1.32 19.00
C LEU A 196 3.78 -1.14 20.53
N THR A 197 4.02 -2.21 21.31
CA THR A 197 3.90 -2.11 22.76
C THR A 197 5.27 -1.89 23.41
N THR A 198 6.30 -1.69 22.59
CA THR A 198 7.62 -1.26 23.01
C THR A 198 8.03 -0.02 22.23
N PRO A 199 8.94 0.85 22.73
CA PRO A 199 9.41 2.00 21.95
C PRO A 199 9.89 1.49 20.59
N PRO A 200 9.66 2.18 19.45
CA PRO A 200 9.11 3.54 19.42
C PRO A 200 7.59 3.77 19.54
N CYS A 201 6.85 2.71 19.86
CA CYS A 201 5.42 2.81 20.11
C CYS A 201 4.67 3.36 18.88
N ALA A 202 5.14 3.00 17.67
CA ALA A 202 4.58 3.56 16.43
C ALA A 202 3.12 3.12 16.29
N GLN A 203 2.27 4.02 15.81
CA GLN A 203 0.85 3.77 15.56
C GLN A 203 0.64 3.18 14.15
N GLY A 204 -0.62 2.83 13.85
CA GLY A 204 -1.03 2.22 12.59
C GLY A 204 -0.80 0.69 12.51
N VAL A 205 -0.51 0.01 13.64
CA VAL A 205 -0.39 -1.44 13.71
C VAL A 205 -1.78 -2.09 13.81
N ILE A 206 -2.12 -3.00 12.89
CA ILE A 206 -3.33 -3.83 13.02
C ILE A 206 -3.04 -5.03 13.93
N TRP A 207 -3.73 -5.03 15.09
CA TRP A 207 -3.73 -6.12 16.03
C TRP A 207 -4.92 -7.04 15.76
N THR A 208 -4.62 -8.34 15.65
CA THR A 208 -5.61 -9.41 15.57
C THR A 208 -5.37 -10.34 16.74
N VAL A 209 -6.37 -10.46 17.63
CA VAL A 209 -6.23 -11.24 18.85
C VAL A 209 -7.21 -12.41 18.75
N PHE A 210 -6.69 -13.65 18.71
CA PHE A 210 -7.54 -14.82 18.61
C PHE A 210 -8.48 -14.88 19.81
N GLN A 211 -9.72 -15.31 19.54
CA GLN A 211 -10.65 -15.57 20.62
C GLN A 211 -10.29 -16.79 21.45
N GLN A 212 -9.91 -17.90 20.82
CA GLN A 212 -9.45 -19.06 21.56
C GLN A 212 -7.97 -18.98 21.96
N THR A 213 -7.64 -19.81 22.94
CA THR A 213 -6.31 -19.81 23.52
C THR A 213 -5.63 -21.13 23.21
N VAL A 214 -4.36 -21.12 23.54
CA VAL A 214 -3.48 -22.24 23.46
C VAL A 214 -3.09 -22.62 24.89
N MET A 215 -2.88 -23.92 25.16
CA MET A 215 -2.56 -24.40 26.51
C MET A 215 -1.12 -24.92 26.57
N LEU A 216 -0.40 -24.52 27.61
CA LEU A 216 0.92 -25.03 27.96
C LEU A 216 0.81 -25.64 29.35
N SER A 217 1.72 -26.54 29.74
CA SER A 217 1.73 -27.09 31.10
C SER A 217 2.24 -26.05 32.11
N ALA A 218 1.98 -26.32 33.40
CA ALA A 218 2.47 -25.43 34.45
C ALA A 218 4.00 -25.39 34.39
N LYS A 219 4.61 -26.55 34.13
CA LYS A 219 6.07 -26.64 34.04
C LYS A 219 6.60 -25.77 32.88
N GLN A 220 5.95 -25.87 31.73
CA GLN A 220 6.31 -25.05 30.57
C GLN A 220 6.18 -23.56 30.88
N LEU A 221 5.08 -23.19 31.52
CA LEU A 221 4.88 -21.80 31.87
C LEU A 221 6.00 -21.34 32.81
N HIS A 222 6.38 -22.21 33.77
CA HIS A 222 7.47 -21.90 34.68
C HIS A 222 8.80 -21.78 33.91
N THR A 223 9.08 -22.74 33.02
CA THR A 223 10.27 -22.62 32.19
C THR A 223 10.33 -21.25 31.48
N LEU A 224 9.19 -20.80 30.88
CA LEU A 224 9.12 -19.53 30.15
C LEU A 224 9.54 -18.36 31.02
N SER A 225 8.98 -18.31 32.24
CA SER A 225 9.10 -17.11 33.07
C SER A 225 10.36 -17.16 33.95
N ASP A 226 11.05 -18.29 33.99
CA ASP A 226 12.07 -18.45 35.02
C ASP A 226 13.47 -18.71 34.48
N THR A 227 13.65 -18.77 33.17
CA THR A 227 14.94 -19.16 32.64
C THR A 227 15.77 -17.94 32.23
N LEU A 228 15.14 -16.81 31.84
CA LEU A 228 15.86 -15.80 31.09
C LEU A 228 16.19 -14.63 32.01
N TRP A 229 17.37 -14.02 31.75
CA TRP A 229 17.84 -12.88 32.51
C TRP A 229 17.90 -11.64 31.62
N GLY A 230 17.56 -10.48 32.20
CA GLY A 230 17.41 -9.23 31.47
C GLY A 230 18.49 -8.22 31.85
N PRO A 231 18.25 -6.89 31.67
CA PRO A 231 19.25 -5.88 32.00
C PRO A 231 19.54 -5.91 33.51
N GLY A 232 20.77 -5.48 33.87
CA GLY A 232 21.27 -5.61 35.23
C GLY A 232 21.52 -7.08 35.59
N ASP A 233 21.26 -7.43 36.86
CA ASP A 233 21.26 -8.82 37.27
C ASP A 233 19.84 -9.16 37.68
N SER A 234 18.86 -8.82 36.82
CA SER A 234 17.45 -9.05 37.10
C SER A 234 16.86 -10.09 36.14
N ARG A 235 15.79 -10.75 36.59
CA ARG A 235 15.16 -11.79 35.81
C ARG A 235 14.45 -11.16 34.61
N LEU A 236 14.28 -11.90 33.51
CA LEU A 236 13.45 -11.38 32.42
C LEU A 236 12.02 -11.87 32.67
N GLN A 237 11.25 -11.03 33.37
CA GLN A 237 9.92 -11.36 33.80
C GLN A 237 8.97 -10.17 33.70
N LEU A 238 7.64 -10.44 33.70
CA LEU A 238 6.63 -9.39 33.62
C LEU A 238 6.89 -8.40 32.47
N ASN A 239 7.22 -8.92 31.28
CA ASN A 239 7.67 -8.08 30.17
C ASN A 239 6.47 -7.66 29.31
N PHE A 240 5.50 -7.00 29.96
CA PHE A 240 4.25 -6.61 29.32
C PHE A 240 4.03 -5.13 29.62
N ARG A 241 3.45 -4.42 28.65
CA ARG A 241 3.04 -3.05 28.89
C ARG A 241 1.67 -3.03 29.58
N ALA A 242 1.43 -1.98 30.36
CA ALA A 242 0.13 -1.65 30.89
C ALA A 242 -0.88 -1.38 29.78
N THR A 243 -2.18 -1.68 30.06
CA THR A 243 -3.22 -1.53 29.06
C THR A 243 -3.51 -0.05 28.92
N GLN A 244 -3.88 0.35 27.70
CA GLN A 244 -4.01 1.70 27.25
C GLN A 244 -5.46 1.94 26.87
N PRO A 245 -5.97 3.17 27.01
CA PRO A 245 -7.33 3.45 26.57
C PRO A 245 -7.62 3.38 25.08
N LEU A 246 -8.82 2.92 24.76
CA LEU A 246 -9.28 2.82 23.38
C LEU A 246 -9.42 4.19 22.77
N ASN A 247 -9.76 5.18 23.60
CA ASN A 247 -10.03 6.52 23.11
C ASN A 247 -10.95 6.58 21.92
N GLY A 248 -12.06 5.85 21.94
CA GLY A 248 -13.01 5.98 20.86
C GLY A 248 -12.88 4.87 19.81
N ARG A 249 -11.75 4.16 19.79
CA ARG A 249 -11.63 3.02 18.88
C ARG A 249 -12.63 1.94 19.27
N VAL A 250 -13.25 1.30 18.28
CA VAL A 250 -14.12 0.17 18.59
C VAL A 250 -13.43 -1.11 18.12
N ILE A 251 -13.35 -2.11 18.99
CA ILE A 251 -12.77 -3.37 18.64
C ILE A 251 -13.79 -4.12 17.79
N GLU A 252 -13.31 -4.73 16.69
CA GLU A 252 -14.17 -5.56 15.87
C GLU A 252 -14.00 -7.02 16.26
N ALA A 253 -15.05 -7.78 15.97
CA ALA A 253 -15.10 -9.22 16.18
C ALA A 253 -15.59 -9.86 14.90
N SER A 254 -15.01 -11.02 14.61
CA SER A 254 -15.32 -11.78 13.41
C SER A 254 -16.50 -12.74 13.63
N PHE A 255 -17.17 -12.66 14.77
CA PHE A 255 -18.24 -13.58 15.10
C PHE A 255 -19.26 -12.85 15.95
N PRO A 256 -20.56 -13.21 15.93
CA PRO A 256 -21.59 -12.52 16.73
C PRO A 256 -21.49 -12.81 18.23
N VAL B 17 0.25 1.53 -20.23
CA VAL B 17 -0.75 0.47 -19.91
C VAL B 17 -0.59 0.05 -18.45
N SER B 18 -0.99 0.91 -17.49
CA SER B 18 -0.78 0.65 -16.06
C SER B 18 -1.25 -0.77 -15.71
N PRO B 19 -0.33 -1.64 -15.21
CA PRO B 19 -0.70 -3.02 -14.89
C PRO B 19 -1.68 -3.06 -13.71
N ALA B 20 -1.67 -2.01 -12.89
CA ALA B 20 -2.62 -1.89 -11.79
C ALA B 20 -4.07 -1.85 -12.28
N CYS B 21 -4.32 -1.39 -13.54
CA CYS B 21 -5.67 -1.37 -14.11
C CYS B 21 -6.19 -2.76 -14.46
N ALA B 22 -5.38 -3.80 -14.21
CA ALA B 22 -5.82 -5.17 -14.39
C ALA B 22 -5.75 -5.92 -13.08
N GLY B 23 -5.76 -5.17 -11.97
CA GLY B 23 -5.75 -5.81 -10.66
C GLY B 23 -7.09 -6.50 -10.38
N ARG B 24 -7.09 -7.39 -9.40
CA ARG B 24 -8.29 -8.15 -9.07
C ARG B 24 -9.31 -7.29 -8.30
N PHE B 25 -8.86 -6.19 -7.65
CA PHE B 25 -9.70 -5.45 -6.71
C PHE B 25 -9.81 -3.98 -7.09
N GLN B 26 -10.66 -3.72 -8.10
CA GLN B 26 -10.72 -2.46 -8.79
C GLN B 26 -12.04 -1.79 -8.45
N SER B 27 -12.11 -0.51 -8.80
CA SER B 27 -13.31 0.29 -8.64
C SER B 27 -13.66 0.87 -9.99
N PRO B 28 -14.90 1.33 -10.21
CA PRO B 28 -16.00 1.24 -9.25
C PRO B 28 -16.68 -0.14 -9.27
N VAL B 29 -17.68 -0.26 -8.42
CA VAL B 29 -18.37 -1.54 -8.23
C VAL B 29 -19.88 -1.27 -8.21
N ASP B 30 -20.62 -2.37 -8.38
CA ASP B 30 -22.06 -2.35 -8.23
C ASP B 30 -22.36 -2.70 -6.78
N ILE B 31 -23.07 -1.82 -6.10
CA ILE B 31 -23.36 -2.03 -4.70
C ILE B 31 -24.70 -2.75 -4.59
N ARG B 32 -24.69 -3.92 -3.91
CA ARG B 32 -25.89 -4.70 -3.69
C ARG B 32 -26.16 -4.68 -2.20
N PRO B 33 -27.04 -3.79 -1.72
CA PRO B 33 -27.15 -3.55 -0.29
C PRO B 33 -27.51 -4.77 0.54
N GLN B 34 -28.21 -5.75 -0.08
CA GLN B 34 -28.55 -6.97 0.63
C GLN B 34 -27.31 -7.82 0.90
N LEU B 35 -26.30 -7.74 0.05
CA LEU B 35 -25.06 -8.46 0.28
C LEU B 35 -24.06 -7.63 1.10
N ALA B 36 -24.40 -6.38 1.49
CA ALA B 36 -23.46 -5.57 2.27
C ALA B 36 -23.43 -6.03 3.72
N ALA B 37 -22.28 -5.93 4.39
CA ALA B 37 -22.14 -6.36 5.77
C ALA B 37 -22.33 -5.15 6.68
N PHE B 38 -23.30 -5.24 7.61
CA PHE B 38 -23.52 -4.22 8.60
C PHE B 38 -22.34 -4.26 9.53
N SER B 39 -21.64 -3.14 9.66
CA SER B 39 -20.52 -3.02 10.59
C SER B 39 -20.70 -1.85 11.52
N PRO B 40 -21.09 -2.03 12.79
CA PRO B 40 -21.33 -0.88 13.64
C PRO B 40 -20.09 -0.13 14.07
N ALA B 41 -18.89 -0.62 13.72
CA ALA B 41 -17.71 0.21 13.98
C ALA B 41 -17.64 1.40 13.00
N LEU B 42 -18.45 1.41 11.95
CA LEU B 42 -18.44 2.51 10.98
C LEU B 42 -19.24 3.68 11.55
N ARG B 43 -18.50 4.64 12.13
CA ARG B 43 -19.07 5.84 12.70
C ARG B 43 -19.25 6.98 11.69
N PRO B 44 -19.99 8.04 12.10
CA PRO B 44 -20.21 9.19 11.22
C PRO B 44 -18.88 9.80 10.76
N LEU B 45 -18.79 10.11 9.47
CA LEU B 45 -17.60 10.79 8.96
C LEU B 45 -17.46 12.18 9.59
N GLU B 46 -16.23 12.65 9.76
CA GLU B 46 -15.99 13.95 10.38
C GLU B 46 -15.09 14.79 9.43
N LEU B 47 -15.55 16.01 9.17
CA LEU B 47 -14.89 16.94 8.25
C LEU B 47 -14.56 18.22 9.00
N LEU B 48 -13.34 18.74 8.84
CA LEU B 48 -12.92 19.98 9.48
C LEU B 48 -12.24 20.83 8.43
N GLY B 49 -12.56 22.13 8.45
CA GLY B 49 -11.92 23.12 7.62
C GLY B 49 -12.53 23.17 6.21
N PHE B 50 -13.70 22.54 5.98
CA PHE B 50 -14.28 22.49 4.65
C PHE B 50 -15.03 23.76 4.30
N GLN B 51 -15.31 24.62 5.28
CA GLN B 51 -16.01 25.86 4.99
C GLN B 51 -14.96 26.95 4.77
N LEU B 52 -14.69 27.21 3.50
CA LEU B 52 -13.58 28.06 3.08
C LEU B 52 -14.01 29.51 2.98
N PRO B 53 -13.06 30.43 3.18
CA PRO B 53 -13.28 31.82 2.83
C PRO B 53 -13.21 31.97 1.31
N PRO B 54 -13.75 33.06 0.74
CA PRO B 54 -13.74 33.30 -0.70
C PRO B 54 -12.35 33.51 -1.30
N LEU B 55 -11.42 34.01 -0.48
CA LEU B 55 -10.04 34.18 -0.90
C LEU B 55 -9.15 33.44 0.06
N PRO B 56 -8.08 32.72 -0.40
CA PRO B 56 -7.71 32.65 -1.81
C PRO B 56 -8.65 31.82 -2.68
N GLU B 57 -8.66 32.14 -3.97
CA GLU B 57 -9.40 31.36 -4.94
C GLU B 57 -8.79 29.99 -5.17
N LEU B 58 -9.60 29.08 -5.74
CA LEU B 58 -9.22 27.72 -6.02
C LEU B 58 -9.13 27.57 -7.53
N ARG B 59 -8.39 26.58 -8.01
CA ARG B 59 -8.30 26.36 -9.45
C ARG B 59 -9.23 25.25 -9.88
N LEU B 60 -10.03 25.52 -10.92
CA LEU B 60 -10.99 24.61 -11.50
C LEU B 60 -10.52 24.30 -12.90
N ARG B 61 -10.31 23.01 -13.22
CA ARG B 61 -9.68 22.63 -14.49
C ARG B 61 -10.50 21.61 -15.27
N ASN B 62 -10.65 21.85 -16.58
CA ASN B 62 -11.05 20.81 -17.51
C ASN B 62 -9.79 20.06 -17.93
N ASN B 63 -9.59 18.86 -17.39
CA ASN B 63 -8.41 18.07 -17.68
C ASN B 63 -8.65 17.12 -18.86
N GLY B 64 -9.76 17.28 -19.60
CA GLY B 64 -10.06 16.40 -20.71
C GLY B 64 -10.70 15.08 -20.27
N HIS B 65 -10.69 14.75 -18.96
CA HIS B 65 -11.34 13.54 -18.45
C HIS B 65 -12.48 13.87 -17.49
N SER B 66 -12.35 14.97 -16.77
CA SER B 66 -13.35 15.42 -15.81
C SER B 66 -13.12 16.91 -15.62
N VAL B 67 -13.97 17.54 -14.78
CA VAL B 67 -13.69 18.86 -14.24
C VAL B 67 -13.23 18.62 -12.80
N GLN B 68 -12.07 19.18 -12.47
CA GLN B 68 -11.39 18.96 -11.20
C GLN B 68 -11.15 20.29 -10.49
N LEU B 69 -11.55 20.33 -9.21
CA LEU B 69 -11.28 21.46 -8.34
C LEU B 69 -10.15 21.08 -7.41
N THR B 70 -9.04 21.83 -7.47
CA THR B 70 -7.93 21.66 -6.53
C THR B 70 -8.30 22.30 -5.21
N LEU B 71 -8.14 21.53 -4.13
CA LEU B 71 -8.50 22.01 -2.81
C LEU B 71 -7.24 22.51 -2.11
N PRO B 72 -7.40 23.51 -1.21
CA PRO B 72 -6.27 24.10 -0.49
C PRO B 72 -5.86 23.20 0.66
N PRO B 73 -4.69 23.45 1.30
CA PRO B 73 -4.36 22.76 2.54
C PRO B 73 -5.36 23.10 3.65
N GLY B 74 -5.45 22.20 4.62
CA GLY B 74 -6.21 22.42 5.84
C GLY B 74 -7.60 21.74 5.88
N LEU B 75 -7.95 20.91 4.87
CA LEU B 75 -9.27 20.25 4.87
C LEU B 75 -9.02 18.87 5.44
N GLU B 76 -9.49 18.62 6.65
CA GLU B 76 -9.18 17.38 7.31
C GLU B 76 -10.43 16.51 7.34
N MET B 77 -10.27 15.21 7.06
CA MET B 77 -11.35 14.24 7.02
C MET B 77 -10.91 13.04 7.84
N ALA B 78 -11.81 12.53 8.71
CA ALA B 78 -11.58 11.30 9.47
C ALA B 78 -12.64 10.26 9.18
N LEU B 79 -12.20 9.03 8.88
CA LEU B 79 -13.07 7.92 8.66
C LEU B 79 -13.46 7.29 9.98
N GLY B 80 -12.72 7.66 11.00
CA GLY B 80 -12.94 7.22 12.36
C GLY B 80 -11.75 7.70 13.19
N PRO B 81 -11.80 7.47 14.52
CA PRO B 81 -10.69 7.76 15.42
C PRO B 81 -9.40 7.12 14.92
N GLY B 82 -8.33 7.88 14.76
CA GLY B 82 -7.06 7.33 14.29
C GLY B 82 -6.99 7.15 12.76
N ARG B 83 -8.02 7.53 12.00
CA ARG B 83 -8.10 7.23 10.56
C ARG B 83 -8.18 8.58 9.83
N GLU B 84 -7.06 9.33 9.79
CA GLU B 84 -7.13 10.72 9.40
C GLU B 84 -6.53 10.97 8.03
N TYR B 85 -7.15 11.92 7.31
CA TYR B 85 -6.89 12.25 5.92
C TYR B 85 -6.90 13.77 5.68
N ARG B 86 -6.27 14.20 4.55
CA ARG B 86 -6.37 15.56 4.06
C ARG B 86 -6.90 15.54 2.64
N ALA B 87 -7.81 16.45 2.35
CA ALA B 87 -8.43 16.52 1.03
C ALA B 87 -7.45 17.15 0.03
N LEU B 88 -7.41 16.61 -1.20
CA LEU B 88 -6.54 17.06 -2.31
C LEU B 88 -7.36 17.78 -3.38
N GLN B 89 -8.41 17.12 -3.84
CA GLN B 89 -9.19 17.59 -4.98
C GLN B 89 -10.54 16.91 -5.02
N LEU B 90 -11.46 17.50 -5.80
CA LEU B 90 -12.70 16.81 -6.11
C LEU B 90 -12.94 16.93 -7.61
N HIS B 91 -13.69 15.97 -8.14
CA HIS B 91 -14.08 15.98 -9.53
C HIS B 91 -15.40 15.23 -9.70
N LEU B 92 -15.90 15.27 -10.94
CA LEU B 92 -17.24 14.80 -11.23
C LEU B 92 -17.22 13.76 -12.35
N HIS B 93 -18.22 12.87 -12.29
CA HIS B 93 -18.45 11.93 -13.38
C HIS B 93 -19.92 12.06 -13.77
N TRP B 94 -20.19 12.00 -15.07
CA TRP B 94 -21.51 12.32 -15.63
C TRP B 94 -21.75 11.63 -16.98
N GLY B 95 -23.00 11.71 -17.41
CA GLY B 95 -23.47 10.99 -18.59
C GLY B 95 -23.64 11.93 -19.81
N ALA B 96 -24.86 11.93 -20.34
CA ALA B 96 -25.21 12.68 -21.54
C ALA B 96 -26.74 12.81 -21.59
N ALA B 97 -27.29 13.59 -22.52
CA ALA B 97 -28.74 13.79 -22.63
C ALA B 97 -29.47 12.44 -22.49
N GLY B 98 -30.36 12.35 -21.49
CA GLY B 98 -31.06 11.10 -21.18
C GLY B 98 -30.15 9.90 -20.97
N ARG B 99 -28.89 10.08 -20.51
CA ARG B 99 -28.07 8.93 -20.16
C ARG B 99 -27.32 9.20 -18.86
N PRO B 100 -27.47 8.32 -17.85
CA PRO B 100 -26.80 8.49 -16.57
C PRO B 100 -25.31 8.14 -16.67
N GLY B 101 -24.51 8.78 -15.79
CA GLY B 101 -23.07 8.55 -15.80
C GLY B 101 -22.40 8.50 -14.42
N SER B 102 -23.11 8.04 -13.38
CA SER B 102 -22.40 7.68 -12.15
C SER B 102 -21.42 6.54 -12.41
N GLU B 103 -20.37 6.43 -11.57
CA GLU B 103 -19.43 5.32 -11.69
C GLU B 103 -19.93 4.09 -10.93
N HIS B 104 -20.24 4.33 -9.67
CA HIS B 104 -20.87 3.31 -8.85
C HIS B 104 -22.33 3.13 -9.26
N THR B 105 -22.83 1.90 -9.09
CA THR B 105 -24.24 1.60 -9.31
C THR B 105 -24.78 0.97 -8.04
N VAL B 106 -26.11 1.04 -7.87
CA VAL B 106 -26.79 0.33 -6.80
C VAL B 106 -27.83 -0.62 -7.43
N GLU B 107 -27.69 -1.91 -7.15
CA GLU B 107 -28.57 -2.93 -7.69
C GLU B 107 -28.70 -2.68 -9.18
N GLY B 108 -27.60 -2.36 -9.85
CA GLY B 108 -27.60 -2.15 -11.29
C GLY B 108 -28.12 -0.77 -11.71
N HIS B 109 -28.66 0.05 -10.81
CA HIS B 109 -29.11 1.38 -11.17
C HIS B 109 -27.94 2.35 -11.31
N ARG B 110 -27.86 3.07 -12.44
CA ARG B 110 -26.85 4.11 -12.58
C ARG B 110 -27.51 5.47 -12.40
N PHE B 111 -26.92 6.34 -11.55
CA PHE B 111 -27.46 7.65 -11.22
C PHE B 111 -26.96 8.71 -12.22
N PRO B 112 -27.62 9.89 -12.30
CA PRO B 112 -27.24 10.89 -13.30
C PRO B 112 -25.74 11.27 -13.27
N ALA B 113 -25.19 11.49 -12.07
CA ALA B 113 -23.78 11.90 -11.97
C ALA B 113 -23.23 11.50 -10.59
N GLU B 114 -21.91 11.72 -10.36
CA GLU B 114 -21.28 11.33 -9.11
C GLU B 114 -20.17 12.32 -8.81
N ILE B 115 -20.01 12.69 -7.52
CA ILE B 115 -18.86 13.49 -7.09
C ILE B 115 -17.92 12.60 -6.29
N HIS B 116 -16.63 12.81 -6.56
CA HIS B 116 -15.52 12.19 -5.84
C HIS B 116 -14.66 13.25 -5.17
N VAL B 117 -14.36 13.10 -3.87
CA VAL B 117 -13.48 13.97 -3.11
C VAL B 117 -12.35 13.08 -2.63
N VAL B 118 -11.16 13.32 -3.19
CA VAL B 118 -10.01 12.43 -3.01
C VAL B 118 -9.12 12.97 -1.92
N HIS B 119 -8.67 12.09 -1.01
CA HIS B 119 -7.93 12.47 0.17
C HIS B 119 -6.65 11.62 0.30
N LEU B 120 -5.66 12.17 1.03
CA LEU B 120 -4.36 11.57 1.31
C LEU B 120 -4.24 11.31 2.81
N SER B 121 -3.87 10.08 3.20
CA SER B 121 -3.58 9.77 4.60
C SER B 121 -2.55 10.74 5.15
N THR B 122 -2.76 11.19 6.40
CA THR B 122 -1.83 12.06 7.09
C THR B 122 -0.51 11.35 7.33
N ALA B 123 -0.40 10.03 7.13
CA ALA B 123 0.86 9.35 7.33
C ALA B 123 1.81 9.57 6.16
N PHE B 124 1.31 10.11 5.04
CA PHE B 124 2.11 10.32 3.85
C PHE B 124 2.16 11.80 3.48
N ALA B 125 3.33 12.27 3.06
CA ALA B 125 3.48 13.63 2.57
C ALA B 125 3.09 13.76 1.10
N ARG B 126 3.18 12.68 0.34
CA ARG B 126 2.88 12.83 -1.08
C ARG B 126 2.03 11.67 -1.59
N VAL B 127 1.19 11.97 -2.58
CA VAL B 127 0.41 10.95 -3.25
C VAL B 127 1.28 9.78 -3.72
N ASP B 128 2.46 10.04 -4.28
CA ASP B 128 3.24 8.97 -4.87
C ASP B 128 3.68 7.97 -3.81
N GLU B 129 3.89 8.38 -2.54
CA GLU B 129 4.22 7.40 -1.50
C GLU B 129 3.01 6.57 -1.05
N ALA B 130 1.78 7.11 -1.20
CA ALA B 130 0.57 6.47 -0.72
C ALA B 130 0.01 5.47 -1.73
N LEU B 131 0.37 5.65 -3.03
CA LEU B 131 -0.21 4.84 -4.09
C LEU B 131 0.01 3.37 -3.81
N GLY B 132 -1.07 2.59 -3.86
CA GLY B 132 -0.93 1.16 -3.63
C GLY B 132 -0.73 0.78 -2.15
N ARG B 133 -0.61 1.74 -1.23
CA ARG B 133 -0.44 1.36 0.18
C ARG B 133 -1.82 1.27 0.85
N PRO B 134 -2.05 0.34 1.81
CA PRO B 134 -3.35 0.13 2.45
C PRO B 134 -3.83 1.39 3.14
N GLY B 135 -4.94 1.93 2.64
CA GLY B 135 -5.57 3.07 3.30
C GLY B 135 -4.84 4.38 3.03
N GLY B 136 -3.91 4.31 2.08
CA GLY B 136 -3.08 5.49 1.76
C GLY B 136 -3.91 6.62 1.17
N LEU B 137 -4.90 6.29 0.33
CA LEU B 137 -5.86 7.20 -0.26
C LEU B 137 -7.30 6.79 0.13
N ALA B 138 -8.16 7.80 0.34
CA ALA B 138 -9.58 7.64 0.64
C ALA B 138 -10.42 8.54 -0.23
N VAL B 139 -11.47 8.00 -0.83
CA VAL B 139 -12.35 8.79 -1.66
C VAL B 139 -13.73 8.86 -0.98
N LEU B 140 -14.28 10.08 -0.87
CA LEU B 140 -15.71 10.27 -0.54
C LEU B 140 -16.56 10.40 -1.82
N ALA B 141 -17.58 9.53 -2.01
CA ALA B 141 -18.38 9.52 -3.23
C ALA B 141 -19.88 9.72 -2.92
N ALA B 142 -20.59 10.56 -3.69
CA ALA B 142 -22.02 10.77 -3.53
C ALA B 142 -22.64 10.86 -4.91
N PHE B 143 -23.82 10.26 -5.06
CA PHE B 143 -24.56 10.37 -6.31
C PHE B 143 -25.22 11.73 -6.38
N LEU B 144 -25.34 12.24 -7.62
CA LEU B 144 -26.08 13.45 -7.93
C LEU B 144 -27.37 13.03 -8.69
N GLU B 145 -28.55 13.48 -8.22
CA GLU B 145 -29.82 13.22 -8.86
C GLU B 145 -30.54 14.54 -9.12
N GLU B 146 -31.67 14.48 -9.85
CA GLU B 146 -32.40 15.68 -10.17
C GLU B 146 -33.35 16.00 -9.04
N GLY B 147 -33.28 17.25 -8.61
CA GLY B 147 -34.27 17.83 -7.72
C GLY B 147 -34.92 19.07 -8.35
N PRO B 148 -35.91 19.67 -7.66
CA PRO B 148 -36.64 20.83 -8.20
C PRO B 148 -35.92 22.16 -8.17
N GLU B 149 -34.90 22.29 -7.33
CA GLU B 149 -34.31 23.58 -7.04
C GLU B 149 -32.88 23.63 -7.57
N GLU B 150 -32.43 24.81 -7.91
CA GLU B 150 -31.04 25.00 -8.26
C GLU B 150 -30.19 24.80 -7.02
N ASN B 151 -29.19 23.94 -7.08
CA ASN B 151 -28.30 23.71 -5.95
C ASN B 151 -27.27 24.84 -5.96
N SER B 152 -27.33 25.69 -4.93
CA SER B 152 -26.51 26.89 -4.87
C SER B 152 -24.98 26.60 -4.80
N ALA B 153 -24.58 25.59 -4.02
CA ALA B 153 -23.15 25.28 -3.93
C ALA B 153 -22.66 24.80 -5.29
N TYR B 154 -23.43 23.91 -5.94
CA TYR B 154 -23.04 23.42 -7.25
C TYR B 154 -22.98 24.57 -8.26
N GLU B 155 -23.88 25.55 -8.15
CA GLU B 155 -23.98 26.61 -9.14
C GLU B 155 -22.64 27.38 -9.26
N GLN B 156 -21.90 27.48 -8.16
CA GLN B 156 -20.64 28.22 -8.16
C GLN B 156 -19.60 27.59 -9.07
N LEU B 157 -19.69 26.28 -9.25
CA LEU B 157 -18.78 25.57 -10.13
C LEU B 157 -19.39 25.50 -11.51
N LEU B 158 -20.69 25.16 -11.57
CA LEU B 158 -21.29 24.89 -12.86
C LEU B 158 -21.37 26.14 -13.73
N SER B 159 -21.56 27.30 -13.09
CA SER B 159 -21.68 28.58 -13.74
C SER B 159 -20.35 29.02 -14.36
N ARG B 160 -19.26 28.28 -14.10
CA ARG B 160 -17.96 28.62 -14.64
C ARG B 160 -17.50 27.62 -15.69
N LEU B 161 -18.31 26.59 -16.00
CA LEU B 161 -17.88 25.55 -16.92
C LEU B 161 -17.65 26.12 -18.33
N GLU B 162 -18.43 27.13 -18.72
CA GLU B 162 -18.33 27.71 -20.05
C GLU B 162 -16.92 28.32 -20.23
N GLU B 163 -16.35 28.82 -19.14
CA GLU B 163 -15.02 29.40 -19.15
C GLU B 163 -13.98 28.34 -19.46
N ILE B 164 -14.26 27.06 -19.12
CA ILE B 164 -13.28 25.99 -19.26
C ILE B 164 -13.77 24.94 -20.24
N ALA B 165 -14.54 25.36 -21.25
CA ALA B 165 -15.12 24.43 -22.23
C ALA B 165 -14.02 23.65 -22.95
N GLU B 166 -12.91 24.34 -23.23
CA GLU B 166 -11.81 23.71 -23.95
C GLU B 166 -11.06 22.73 -23.07
N GLU B 167 -10.70 21.57 -23.67
CA GLU B 167 -9.79 20.62 -23.06
C GLU B 167 -8.51 21.29 -22.58
N GLY B 168 -8.04 20.98 -21.36
CA GLY B 168 -6.85 21.56 -20.78
C GLY B 168 -6.99 23.02 -20.32
N SER B 169 -8.18 23.62 -20.30
CA SER B 169 -8.38 24.96 -19.82
C SER B 169 -8.63 24.97 -18.31
N GLU B 170 -8.40 26.10 -17.69
CA GLU B 170 -8.71 26.30 -16.27
C GLU B 170 -9.14 27.73 -15.95
N THR B 171 -9.70 27.88 -14.75
CA THR B 171 -10.18 29.15 -14.24
C THR B 171 -10.07 29.15 -12.72
N GLN B 172 -10.07 30.33 -12.13
CA GLN B 172 -10.05 30.45 -10.68
C GLN B 172 -11.47 30.72 -10.22
N VAL B 173 -11.84 30.07 -9.09
CA VAL B 173 -13.14 30.30 -8.47
C VAL B 173 -12.96 30.62 -6.99
N PRO B 174 -13.86 31.45 -6.43
CA PRO B 174 -13.84 31.74 -5.00
C PRO B 174 -14.00 30.48 -4.17
N GLY B 175 -13.34 30.42 -3.03
CA GLY B 175 -13.63 29.37 -2.07
C GLY B 175 -15.11 29.38 -1.66
N LEU B 176 -15.59 28.19 -1.26
CA LEU B 176 -16.98 27.95 -0.98
C LEU B 176 -16.98 26.89 0.12
N ASP B 177 -18.17 26.59 0.63
CA ASP B 177 -18.33 25.50 1.58
C ASP B 177 -18.28 24.20 0.79
N ILE B 178 -17.13 23.52 0.85
CA ILE B 178 -16.92 22.33 0.06
C ILE B 178 -17.87 21.23 0.61
N SER B 179 -18.13 21.22 1.94
CA SER B 179 -19.05 20.23 2.51
C SER B 179 -20.48 20.38 1.98
N ALA B 180 -20.82 21.50 1.32
CA ALA B 180 -22.15 21.69 0.78
C ALA B 180 -22.30 21.02 -0.58
N LEU B 181 -21.22 20.47 -1.15
CA LEU B 181 -21.30 19.64 -2.34
C LEU B 181 -21.63 18.20 -2.00
N LEU B 182 -21.66 17.86 -0.72
CA LEU B 182 -21.90 16.52 -0.30
C LEU B 182 -23.27 16.44 0.38
N PRO B 183 -23.80 15.21 0.61
CA PRO B 183 -25.04 15.06 1.39
C PRO B 183 -24.87 15.52 2.84
N SER B 184 -25.98 15.93 3.45
CA SER B 184 -25.95 16.30 4.85
C SER B 184 -25.86 15.07 5.77
N ASP B 185 -26.25 13.88 5.26
CA ASP B 185 -26.21 12.68 6.10
C ASP B 185 -24.84 11.99 5.96
N PHE B 186 -24.00 12.16 6.99
CA PHE B 186 -22.67 11.56 7.05
C PHE B 186 -22.65 10.25 7.84
N SER B 187 -23.84 9.72 8.24
CA SER B 187 -23.93 8.57 9.12
C SER B 187 -24.08 7.28 8.38
N ARG B 188 -24.71 7.37 7.21
CA ARG B 188 -25.18 6.24 6.43
C ARG B 188 -24.40 6.15 5.12
N TYR B 189 -23.59 5.07 4.97
CA TYR B 189 -22.66 4.92 3.84
C TYR B 189 -22.24 3.46 3.73
N PHE B 190 -21.84 3.08 2.52
CA PHE B 190 -21.14 1.86 2.19
C PHE B 190 -19.63 2.16 2.20
N GLN B 191 -18.82 1.17 2.57
CA GLN B 191 -17.37 1.35 2.48
C GLN B 191 -16.75 0.04 2.02
N TYR B 192 -15.80 0.16 1.11
CA TYR B 192 -15.09 -1.03 0.62
C TYR B 192 -13.69 -0.62 0.17
N GLU B 193 -12.79 -1.61 -0.03
CA GLU B 193 -11.46 -1.33 -0.54
C GLU B 193 -11.40 -1.60 -2.04
N GLY B 194 -10.82 -0.64 -2.78
CA GLY B 194 -10.75 -0.70 -4.22
C GLY B 194 -9.56 0.11 -4.75
N SER B 195 -9.81 0.80 -5.84
CA SER B 195 -8.72 1.32 -6.65
C SER B 195 -9.08 2.71 -7.11
N LEU B 196 -8.08 3.47 -7.61
CA LEU B 196 -8.36 4.60 -8.48
C LEU B 196 -9.02 4.07 -9.75
N THR B 197 -9.82 4.91 -10.42
CA THR B 197 -10.65 4.51 -11.55
C THR B 197 -10.09 5.07 -12.83
N THR B 198 -8.88 5.59 -12.73
CA THR B 198 -8.17 6.15 -13.83
C THR B 198 -6.74 5.66 -13.66
N PRO B 199 -5.97 5.46 -14.75
CA PRO B 199 -4.58 5.04 -14.62
C PRO B 199 -3.90 5.96 -13.63
N PRO B 200 -3.04 5.44 -12.73
CA PRO B 200 -2.69 4.02 -12.65
C PRO B 200 -3.53 2.95 -11.92
N CYS B 201 -4.79 3.23 -11.60
CA CYS B 201 -5.70 2.28 -10.96
C CYS B 201 -5.07 1.56 -9.77
N ALA B 202 -4.27 2.26 -8.98
CA ALA B 202 -3.60 1.66 -7.82
C ALA B 202 -4.68 1.25 -6.81
N GLN B 203 -4.44 0.10 -6.16
CA GLN B 203 -5.36 -0.49 -5.17
C GLN B 203 -5.04 0.03 -3.75
N GLY B 204 -5.77 -0.46 -2.76
CA GLY B 204 -5.66 0.04 -1.40
C GLY B 204 -6.43 1.33 -1.11
N VAL B 205 -7.28 1.75 -2.04
CA VAL B 205 -8.05 2.97 -1.88
C VAL B 205 -9.30 2.65 -1.02
N ILE B 206 -9.51 3.40 0.08
CA ILE B 206 -10.76 3.25 0.81
C ILE B 206 -11.85 4.14 0.20
N TRP B 207 -12.88 3.47 -0.30
CA TRP B 207 -14.02 4.12 -0.95
C TRP B 207 -15.18 4.17 0.02
N THR B 208 -15.75 5.38 0.18
CA THR B 208 -16.90 5.62 1.04
C THR B 208 -17.97 6.22 0.13
N VAL B 209 -19.14 5.56 0.06
CA VAL B 209 -20.21 5.93 -0.85
C VAL B 209 -21.43 6.23 0.00
N PHE B 210 -21.88 7.50 -0.03
CA PHE B 210 -23.02 7.95 0.77
C PHE B 210 -24.34 7.29 0.33
N GLN B 211 -25.18 6.96 1.30
CA GLN B 211 -26.52 6.47 1.00
C GLN B 211 -27.43 7.59 0.49
N GLN B 212 -27.38 8.74 1.14
CA GLN B 212 -28.14 9.91 0.71
C GLN B 212 -27.50 10.52 -0.54
N THR B 213 -28.34 11.03 -1.46
CA THR B 213 -27.89 11.64 -2.69
C THR B 213 -27.98 13.17 -2.59
N VAL B 214 -27.34 13.86 -3.55
CA VAL B 214 -27.36 15.29 -3.62
C VAL B 214 -28.27 15.73 -4.78
N MET B 215 -28.99 16.84 -4.64
CA MET B 215 -29.98 17.25 -5.67
C MET B 215 -29.46 18.42 -6.52
N LEU B 216 -29.43 18.27 -7.84
CA LEU B 216 -29.19 19.35 -8.79
C LEU B 216 -30.44 19.55 -9.65
N SER B 217 -30.61 20.74 -10.23
CA SER B 217 -31.72 21.00 -11.16
C SER B 217 -31.44 20.29 -12.47
N ALA B 218 -32.49 20.08 -13.28
CA ALA B 218 -32.29 19.53 -14.62
C ALA B 218 -31.32 20.45 -15.38
N LYS B 219 -31.47 21.75 -15.24
CA LYS B 219 -30.62 22.67 -15.98
C LYS B 219 -29.15 22.48 -15.57
N GLN B 220 -28.91 22.33 -14.27
CA GLN B 220 -27.56 22.07 -13.78
C GLN B 220 -27.00 20.77 -14.34
N LEU B 221 -27.79 19.69 -14.35
CA LEU B 221 -27.24 18.44 -14.88
C LEU B 221 -26.94 18.60 -16.38
N HIS B 222 -27.79 19.34 -17.09
CA HIS B 222 -27.53 19.60 -18.51
C HIS B 222 -26.26 20.47 -18.66
N THR B 223 -26.05 21.51 -17.88
CA THR B 223 -24.81 22.29 -17.96
C THR B 223 -23.59 21.38 -17.82
N LEU B 224 -23.65 20.45 -16.88
CA LEU B 224 -22.53 19.58 -16.55
C LEU B 224 -22.15 18.72 -17.76
N SER B 225 -23.17 18.12 -18.39
CA SER B 225 -22.99 17.13 -19.45
C SER B 225 -22.83 17.74 -20.85
N ASP B 226 -23.12 19.02 -21.02
CA ASP B 226 -23.23 19.60 -22.34
C ASP B 226 -22.22 20.73 -22.59
N THR B 227 -21.39 21.08 -21.60
CA THR B 227 -20.58 22.27 -21.71
C THR B 227 -19.14 21.94 -22.09
N LEU B 228 -18.58 20.82 -21.60
CA LEU B 228 -17.14 20.63 -21.62
C LEU B 228 -16.76 19.78 -22.83
N TRP B 229 -15.58 20.06 -23.40
CA TRP B 229 -15.05 19.30 -24.54
C TRP B 229 -13.77 18.56 -24.14
N GLY B 230 -13.57 17.41 -24.75
CA GLY B 230 -12.50 16.52 -24.34
C GLY B 230 -11.56 16.25 -25.49
N PRO B 231 -10.79 15.13 -25.46
CA PRO B 231 -9.72 14.92 -26.43
C PRO B 231 -10.37 14.90 -27.83
N GLY B 232 -9.62 15.35 -28.83
CA GLY B 232 -10.17 15.47 -30.18
C GLY B 232 -11.15 16.65 -30.22
N ASP B 233 -12.16 16.55 -31.08
CA ASP B 233 -13.24 17.52 -31.06
C ASP B 233 -14.49 16.78 -30.59
N SER B 234 -14.35 16.04 -29.47
CA SER B 234 -15.44 15.28 -28.87
C SER B 234 -15.91 15.94 -27.57
N ARG B 235 -17.20 15.83 -27.29
CA ARG B 235 -17.77 16.25 -26.03
C ARG B 235 -17.27 15.39 -24.88
N LEU B 236 -16.97 16.02 -23.75
CA LEU B 236 -16.65 15.31 -22.51
C LEU B 236 -17.96 14.88 -21.85
N GLN B 237 -18.33 13.63 -22.11
CA GLN B 237 -19.58 13.01 -21.68
C GLN B 237 -19.26 11.56 -21.37
N LEU B 238 -20.09 10.94 -20.53
CA LEU B 238 -20.03 9.51 -20.23
C LEU B 238 -18.65 9.13 -19.71
N ASN B 239 -18.10 9.94 -18.80
CA ASN B 239 -16.73 9.80 -18.34
C ASN B 239 -16.68 8.95 -17.07
N PHE B 240 -17.27 7.75 -17.15
CA PHE B 240 -17.30 6.78 -16.05
C PHE B 240 -16.70 5.47 -16.52
N ARG B 241 -15.95 4.81 -15.64
CA ARG B 241 -15.41 3.48 -15.92
C ARG B 241 -16.51 2.42 -15.72
N ALA B 242 -16.43 1.33 -16.51
CA ALA B 242 -17.38 0.23 -16.32
C ALA B 242 -17.19 -0.37 -14.94
N THR B 243 -18.26 -0.94 -14.38
CA THR B 243 -18.16 -1.52 -13.06
C THR B 243 -17.31 -2.78 -13.14
N GLN B 244 -16.64 -2.99 -12.03
CA GLN B 244 -15.63 -3.99 -11.86
C GLN B 244 -16.21 -4.98 -10.86
N PRO B 245 -15.91 -6.28 -10.98
CA PRO B 245 -16.46 -7.30 -10.07
C PRO B 245 -15.88 -7.18 -8.67
N LEU B 246 -16.67 -7.55 -7.66
CA LEU B 246 -16.20 -7.48 -6.30
C LEU B 246 -15.10 -8.51 -6.06
N ASN B 247 -15.21 -9.63 -6.79
CA ASN B 247 -14.19 -10.68 -6.76
C ASN B 247 -13.91 -11.08 -5.31
N GLY B 248 -14.98 -11.19 -4.52
CA GLY B 248 -14.96 -11.77 -3.19
C GLY B 248 -14.85 -10.76 -2.05
N ARG B 249 -14.51 -9.50 -2.38
CA ARG B 249 -14.60 -8.44 -1.40
C ARG B 249 -16.04 -8.33 -0.91
N VAL B 250 -16.19 -7.92 0.33
CA VAL B 250 -17.48 -7.66 0.92
C VAL B 250 -17.58 -6.16 1.20
N ILE B 251 -18.65 -5.52 0.68
CA ILE B 251 -18.91 -4.11 0.94
C ILE B 251 -19.47 -4.00 2.34
N GLU B 252 -18.99 -3.07 3.15
CA GLU B 252 -19.52 -2.86 4.47
C GLU B 252 -20.52 -1.70 4.42
N ALA B 253 -21.46 -1.73 5.37
CA ALA B 253 -22.44 -0.69 5.50
C ALA B 253 -22.42 -0.23 6.93
N SER B 254 -22.63 1.08 7.11
CA SER B 254 -22.69 1.67 8.43
C SER B 254 -24.09 1.55 9.06
N PHE B 255 -25.05 0.84 8.45
CA PHE B 255 -26.41 0.67 8.97
C PHE B 255 -26.91 -0.71 8.55
N PRO B 256 -27.86 -1.30 9.32
CA PRO B 256 -28.48 -2.59 8.95
C PRO B 256 -29.52 -2.61 7.79
N VAL C 17 2.15 -43.98 -27.74
CA VAL C 17 3.61 -43.67 -27.64
C VAL C 17 3.94 -43.18 -26.22
N SER C 18 2.90 -42.93 -25.41
CA SER C 18 3.04 -42.65 -23.99
C SER C 18 2.04 -43.55 -23.27
N PRO C 19 2.44 -44.78 -22.87
CA PRO C 19 1.53 -45.75 -22.25
C PRO C 19 0.77 -45.20 -21.03
N ALA C 20 1.43 -44.29 -20.32
CA ALA C 20 0.82 -43.52 -19.24
C ALA C 20 -0.54 -42.92 -19.63
N CYS C 21 -0.61 -42.47 -20.89
CA CYS C 21 -1.80 -41.80 -21.39
C CYS C 21 -2.98 -42.75 -21.51
N ALA C 22 -2.78 -44.07 -21.35
CA ALA C 22 -3.87 -45.03 -21.33
C ALA C 22 -4.17 -45.50 -19.90
N GLY C 23 -3.71 -44.75 -18.88
CA GLY C 23 -4.11 -45.06 -17.50
C GLY C 23 -5.62 -44.93 -17.32
N ARG C 24 -6.12 -45.48 -16.20
CA ARG C 24 -7.55 -45.53 -15.92
C ARG C 24 -8.13 -44.21 -15.35
N PHE C 25 -7.28 -43.23 -15.00
CA PHE C 25 -7.72 -42.06 -14.25
C PHE C 25 -7.15 -40.82 -14.92
N GLN C 26 -7.61 -40.56 -16.15
CA GLN C 26 -7.06 -39.48 -16.93
C GLN C 26 -7.96 -38.23 -16.89
N SER C 27 -7.38 -37.13 -17.39
CA SER C 27 -7.99 -35.83 -17.54
C SER C 27 -7.86 -35.41 -19.01
N PRO C 28 -8.74 -34.55 -19.54
CA PRO C 28 -9.86 -33.99 -18.78
C PRO C 28 -11.07 -34.91 -18.75
N VAL C 29 -12.12 -34.42 -18.07
CA VAL C 29 -13.35 -35.17 -17.90
C VAL C 29 -14.57 -34.29 -18.21
N ASP C 30 -15.70 -34.96 -18.46
CA ASP C 30 -16.99 -34.31 -18.61
C ASP C 30 -17.62 -34.18 -17.24
N ILE C 31 -17.87 -32.93 -16.83
CA ILE C 31 -18.47 -32.69 -15.52
C ILE C 31 -19.97 -32.69 -15.70
N ARG C 32 -20.65 -33.50 -14.89
CA ARG C 32 -22.10 -33.54 -14.91
C ARG C 32 -22.57 -33.13 -13.52
N PRO C 33 -22.92 -31.84 -13.31
CA PRO C 33 -23.11 -31.30 -11.97
C PRO C 33 -24.12 -32.04 -11.11
N GLN C 34 -25.07 -32.73 -11.77
CA GLN C 34 -26.13 -33.41 -11.04
C GLN C 34 -25.65 -34.75 -10.48
N LEU C 35 -24.55 -35.30 -11.02
CA LEU C 35 -23.90 -36.48 -10.46
C LEU C 35 -22.67 -36.13 -9.61
N ALA C 36 -22.37 -34.84 -9.42
CA ALA C 36 -21.29 -34.44 -8.54
C ALA C 36 -21.75 -34.62 -7.11
N ALA C 37 -20.85 -35.07 -6.23
CA ALA C 37 -21.13 -35.23 -4.82
C ALA C 37 -20.81 -33.93 -4.09
N PHE C 38 -21.81 -33.36 -3.41
CA PHE C 38 -21.63 -32.21 -2.55
C PHE C 38 -20.80 -32.67 -1.38
N SER C 39 -19.62 -32.07 -1.22
CA SER C 39 -18.83 -32.38 -0.04
C SER C 39 -18.53 -31.12 0.72
N PRO C 40 -19.13 -30.95 1.92
CA PRO C 40 -19.02 -29.72 2.69
C PRO C 40 -17.65 -29.44 3.26
N ALA C 41 -16.78 -30.46 3.29
CA ALA C 41 -15.42 -30.28 3.79
C ALA C 41 -14.57 -29.40 2.86
N LEU C 42 -14.99 -29.22 1.60
CA LEU C 42 -14.21 -28.45 0.64
C LEU C 42 -14.32 -26.97 0.98
N ARG C 43 -13.21 -26.34 1.39
CA ARG C 43 -13.24 -24.97 1.89
C ARG C 43 -12.85 -24.04 0.76
N PRO C 44 -13.04 -22.71 0.92
CA PRO C 44 -12.57 -21.76 -0.09
C PRO C 44 -11.07 -21.86 -0.36
N LEU C 45 -10.68 -21.80 -1.64
CA LEU C 45 -9.28 -21.80 -2.04
C LEU C 45 -8.58 -20.60 -1.44
N GLU C 46 -7.30 -20.75 -1.03
CA GLU C 46 -6.53 -19.60 -0.56
C GLU C 46 -5.34 -19.38 -1.48
N LEU C 47 -5.22 -18.19 -2.10
CA LEU C 47 -4.11 -17.90 -3.00
C LEU C 47 -3.42 -16.62 -2.53
N LEU C 48 -2.23 -16.73 -1.94
CA LEU C 48 -1.42 -15.60 -1.52
C LEU C 48 -0.16 -15.41 -2.37
N GLY C 49 0.21 -14.14 -2.57
CA GLY C 49 1.38 -13.77 -3.35
C GLY C 49 1.14 -13.67 -4.84
N PHE C 50 -0.11 -13.74 -5.27
CA PHE C 50 -0.43 -13.80 -6.69
C PHE C 50 -0.40 -12.40 -7.29
N GLN C 51 -0.40 -11.33 -6.46
CA GLN C 51 -0.48 -9.98 -6.98
C GLN C 51 0.94 -9.52 -7.27
N LEU C 52 1.48 -9.83 -8.45
CA LEU C 52 2.90 -9.61 -8.72
C LEU C 52 3.14 -8.15 -9.10
N PRO C 53 4.29 -7.58 -8.70
CA PRO C 53 4.63 -6.22 -9.11
C PRO C 53 5.22 -6.25 -10.53
N PRO C 54 5.35 -5.08 -11.19
CA PRO C 54 5.85 -5.06 -12.57
C PRO C 54 7.23 -5.69 -12.80
N LEU C 55 8.13 -5.66 -11.81
CA LEU C 55 9.46 -6.25 -11.94
C LEU C 55 9.73 -7.18 -10.75
N PRO C 56 10.37 -8.36 -10.95
CA PRO C 56 10.88 -8.80 -12.27
C PRO C 56 9.85 -9.19 -13.32
N GLU C 57 10.30 -9.24 -14.57
CA GLU C 57 9.48 -9.66 -15.70
C GLU C 57 9.36 -11.19 -15.69
N LEU C 58 8.38 -11.69 -16.44
CA LEU C 58 8.05 -13.11 -16.50
C LEU C 58 8.26 -13.58 -17.94
N ARG C 59 8.73 -14.83 -18.04
CA ARG C 59 8.93 -15.50 -19.32
C ARG C 59 7.59 -15.91 -19.89
N LEU C 60 7.31 -15.46 -21.11
CA LEU C 60 6.16 -15.93 -21.85
C LEU C 60 6.64 -16.59 -23.15
N ARG C 61 6.14 -17.80 -23.42
CA ARG C 61 6.78 -18.70 -24.35
C ARG C 61 5.73 -19.36 -25.22
N ASN C 62 5.94 -19.39 -26.53
CA ASN C 62 5.17 -20.27 -27.39
C ASN C 62 5.98 -21.55 -27.53
N ASN C 63 5.44 -22.67 -27.01
CA ASN C 63 6.21 -23.90 -26.95
C ASN C 63 5.69 -24.87 -28.01
N GLY C 64 4.76 -24.39 -28.84
CA GLY C 64 4.24 -25.17 -29.93
C GLY C 64 3.01 -25.97 -29.53
N HIS C 65 2.77 -26.11 -28.21
CA HIS C 65 1.55 -26.77 -27.75
C HIS C 65 0.61 -25.75 -27.09
N SER C 66 1.15 -24.70 -26.45
CA SER C 66 0.35 -23.65 -25.83
C SER C 66 1.22 -22.41 -25.68
N VAL C 67 0.62 -21.32 -25.18
CA VAL C 67 1.42 -20.24 -24.61
C VAL C 67 1.54 -20.45 -23.11
N GLN C 68 2.78 -20.37 -22.61
CA GLN C 68 3.08 -20.72 -21.23
C GLN C 68 3.80 -19.56 -20.56
N LEU C 69 3.28 -19.18 -19.37
CA LEU C 69 3.82 -18.13 -18.55
C LEU C 69 4.51 -18.78 -17.36
N THR C 70 5.81 -18.51 -17.19
CA THR C 70 6.55 -19.01 -16.03
C THR C 70 6.24 -18.08 -14.85
N LEU C 71 5.87 -18.68 -13.70
CA LEU C 71 5.59 -17.90 -12.51
C LEU C 71 6.79 -17.90 -11.58
N PRO C 72 7.02 -16.80 -10.83
CA PRO C 72 8.13 -16.76 -9.89
C PRO C 72 7.80 -17.53 -8.62
N PRO C 73 8.78 -17.68 -7.72
CA PRO C 73 8.54 -18.25 -6.39
C PRO C 73 7.65 -17.30 -5.60
N GLY C 74 6.91 -17.87 -4.66
CA GLY C 74 6.18 -17.10 -3.66
C GLY C 74 4.68 -17.09 -3.94
N LEU C 75 4.19 -17.81 -4.95
CA LEU C 75 2.76 -17.91 -5.18
C LEU C 75 2.26 -19.14 -4.44
N GLU C 76 1.62 -18.91 -3.27
CA GLU C 76 1.23 -20.00 -2.38
C GLU C 76 -0.27 -20.23 -2.49
N MET C 77 -0.67 -21.51 -2.48
CA MET C 77 -2.04 -21.91 -2.69
C MET C 77 -2.36 -23.04 -1.72
N ALA C 78 -3.55 -23.01 -1.11
CA ALA C 78 -3.99 -24.09 -0.24
C ALA C 78 -5.32 -24.63 -0.71
N LEU C 79 -5.43 -25.99 -0.78
CA LEU C 79 -6.68 -26.65 -1.13
C LEU C 79 -7.46 -26.97 0.15
N GLY C 80 -6.77 -26.87 1.28
CA GLY C 80 -7.29 -27.24 2.57
C GLY C 80 -6.23 -27.03 3.63
N PRO C 81 -6.60 -27.17 4.93
CA PRO C 81 -5.64 -27.01 6.01
C PRO C 81 -4.43 -27.94 5.91
N GLY C 82 -3.24 -27.33 5.77
CA GLY C 82 -2.01 -28.10 5.71
C GLY C 82 -1.77 -28.71 4.32
N ARG C 83 -2.64 -28.43 3.35
CA ARG C 83 -2.52 -28.98 2.02
C ARG C 83 -2.12 -27.86 1.06
N GLU C 84 -0.83 -27.56 1.03
CA GLU C 84 -0.34 -26.35 0.39
C GLU C 84 0.50 -26.66 -0.84
N TYR C 85 0.55 -25.65 -1.74
CA TYR C 85 1.06 -25.72 -3.09
C TYR C 85 1.80 -24.43 -3.43
N ARG C 86 2.72 -24.48 -4.40
CA ARG C 86 3.30 -23.26 -4.94
C ARG C 86 3.11 -23.31 -6.45
N ALA C 87 2.71 -22.18 -7.03
CA ALA C 87 2.39 -22.13 -8.44
C ALA C 87 3.67 -22.17 -9.28
N LEU C 88 3.64 -22.89 -10.41
CA LEU C 88 4.80 -23.04 -11.27
C LEU C 88 4.65 -22.24 -12.57
N GLN C 89 3.47 -22.34 -13.17
CA GLN C 89 3.23 -21.78 -14.49
C GLN C 89 1.75 -21.77 -14.74
N LEU C 90 1.37 -21.05 -15.80
CA LEU C 90 0.04 -21.20 -16.33
C LEU C 90 0.10 -21.22 -17.86
N HIS C 91 -0.91 -21.83 -18.46
CA HIS C 91 -1.02 -21.89 -19.91
C HIS C 91 -2.50 -21.95 -20.26
N LEU C 92 -2.82 -21.93 -21.57
CA LEU C 92 -4.20 -21.97 -22.06
C LEU C 92 -4.42 -23.06 -23.11
N HIS C 93 -5.71 -23.42 -23.23
CA HIS C 93 -6.28 -24.29 -24.25
C HIS C 93 -7.42 -23.57 -24.97
N TRP C 94 -7.43 -23.64 -26.30
CA TRP C 94 -8.39 -22.88 -27.08
C TRP C 94 -8.73 -23.59 -28.40
N GLY C 95 -9.77 -23.11 -29.08
CA GLY C 95 -10.27 -23.81 -30.25
C GLY C 95 -9.79 -23.17 -31.55
N ALA C 96 -10.74 -22.79 -32.42
CA ALA C 96 -10.44 -22.05 -33.63
C ALA C 96 -11.68 -21.26 -34.07
N ALA C 97 -11.51 -20.46 -35.12
CA ALA C 97 -12.59 -19.65 -35.66
C ALA C 97 -13.88 -20.49 -35.67
N GLY C 98 -14.84 -20.11 -34.81
CA GLY C 98 -16.15 -20.75 -34.74
C GLY C 98 -16.20 -22.03 -33.92
N ARG C 99 -15.09 -22.43 -33.26
CA ARG C 99 -15.03 -23.73 -32.61
C ARG C 99 -14.41 -23.59 -31.21
N PRO C 100 -15.14 -24.02 -30.15
CA PRO C 100 -14.64 -23.89 -28.78
C PRO C 100 -13.50 -24.87 -28.53
N GLY C 101 -12.67 -24.60 -27.51
CA GLY C 101 -11.48 -25.41 -27.30
C GLY C 101 -11.14 -25.65 -25.83
N SER C 102 -12.13 -25.61 -24.94
CA SER C 102 -11.88 -25.96 -23.55
C SER C 102 -11.58 -27.46 -23.46
N GLU C 103 -10.92 -27.86 -22.37
CA GLU C 103 -10.54 -29.25 -22.15
C GLU C 103 -11.64 -29.97 -21.40
N HIS C 104 -11.96 -29.46 -20.20
CA HIS C 104 -13.13 -29.91 -19.48
C HIS C 104 -14.38 -29.46 -20.23
N THR C 105 -15.47 -30.18 -20.00
CA THR C 105 -16.77 -29.92 -20.57
C THR C 105 -17.76 -30.00 -19.43
N VAL C 106 -18.93 -29.36 -19.58
CA VAL C 106 -20.00 -29.50 -18.59
C VAL C 106 -21.25 -29.97 -19.34
N GLU C 107 -21.83 -31.09 -18.89
CA GLU C 107 -22.90 -31.78 -19.60
C GLU C 107 -22.67 -31.73 -21.10
N GLY C 108 -21.46 -32.06 -21.56
CA GLY C 108 -21.16 -32.10 -22.98
C GLY C 108 -20.82 -30.75 -23.59
N HIS C 109 -21.08 -29.64 -22.89
CA HIS C 109 -20.76 -28.32 -23.44
C HIS C 109 -19.26 -28.00 -23.37
N ARG C 110 -18.68 -27.63 -24.51
CA ARG C 110 -17.30 -27.19 -24.57
C ARG C 110 -17.29 -25.66 -24.67
N PHE C 111 -16.44 -25.05 -23.84
CA PHE C 111 -16.41 -23.62 -23.69
C PHE C 111 -15.35 -23.10 -24.64
N PRO C 112 -15.40 -21.80 -24.99
CA PRO C 112 -14.40 -21.26 -25.90
C PRO C 112 -12.95 -21.59 -25.54
N ALA C 113 -12.60 -21.52 -24.25
CA ALA C 113 -11.21 -21.67 -23.85
C ALA C 113 -11.10 -21.98 -22.34
N GLU C 114 -9.87 -22.17 -21.85
CA GLU C 114 -9.63 -22.72 -20.53
C GLU C 114 -8.23 -22.30 -20.10
N ILE C 115 -8.13 -21.83 -18.85
CA ILE C 115 -6.85 -21.49 -18.28
C ILE C 115 -6.49 -22.53 -17.22
N HIS C 116 -5.22 -22.93 -17.20
CA HIS C 116 -4.69 -23.88 -16.26
C HIS C 116 -3.56 -23.24 -15.47
N VAL C 117 -3.65 -23.30 -14.13
CA VAL C 117 -2.62 -22.77 -13.27
C VAL C 117 -2.07 -23.98 -12.51
N VAL C 118 -0.82 -24.34 -12.81
CA VAL C 118 -0.25 -25.60 -12.35
C VAL C 118 0.63 -25.36 -11.13
N HIS C 119 0.42 -26.18 -10.06
CA HIS C 119 1.13 -26.05 -8.81
C HIS C 119 1.81 -27.35 -8.37
N LEU C 120 2.85 -27.21 -7.53
CA LEU C 120 3.58 -28.31 -6.92
C LEU C 120 3.31 -28.33 -5.42
N SER C 121 2.90 -29.49 -4.89
CA SER C 121 2.84 -29.67 -3.44
C SER C 121 4.15 -29.28 -2.79
N THR C 122 4.03 -28.53 -1.69
CA THR C 122 5.17 -28.08 -0.94
C THR C 122 5.72 -29.24 -0.14
N ALA C 123 5.08 -30.43 -0.17
CA ALA C 123 5.73 -31.61 0.39
C ALA C 123 6.84 -32.15 -0.53
N PHE C 124 6.89 -31.73 -1.80
CA PHE C 124 7.95 -32.14 -2.71
C PHE C 124 8.84 -30.96 -3.09
N ALA C 125 10.15 -31.15 -3.09
CA ALA C 125 11.07 -30.11 -3.50
C ALA C 125 11.09 -29.94 -5.02
N ARG C 126 10.78 -30.98 -5.79
CA ARG C 126 10.89 -30.94 -7.24
C ARG C 126 9.66 -31.54 -7.92
N VAL C 127 9.32 -31.00 -9.08
CA VAL C 127 8.24 -31.53 -9.89
C VAL C 127 8.44 -33.02 -10.17
N ASP C 128 9.71 -33.46 -10.46
CA ASP C 128 9.92 -34.82 -10.95
C ASP C 128 9.56 -35.82 -9.83
N GLU C 129 9.76 -35.44 -8.56
CA GLU C 129 9.37 -36.27 -7.43
C GLU C 129 7.87 -36.41 -7.29
N ALA C 130 7.15 -35.32 -7.61
CA ALA C 130 5.72 -35.23 -7.42
C ALA C 130 4.91 -35.96 -8.50
N LEU C 131 5.47 -36.10 -9.72
CA LEU C 131 4.80 -36.74 -10.85
C LEU C 131 4.40 -38.17 -10.49
N GLY C 132 3.12 -38.50 -10.70
CA GLY C 132 2.52 -39.79 -10.37
C GLY C 132 2.16 -39.99 -8.91
N ARG C 133 2.59 -39.06 -8.03
CA ARG C 133 2.28 -39.21 -6.64
C ARG C 133 0.94 -38.52 -6.37
N PRO C 134 0.11 -39.09 -5.48
CA PRO C 134 -1.20 -38.49 -5.17
C PRO C 134 -1.10 -37.09 -4.54
N GLY C 135 -1.72 -36.11 -5.22
CA GLY C 135 -1.74 -34.73 -4.76
C GLY C 135 -0.42 -34.04 -4.98
N GLY C 136 0.47 -34.68 -5.76
CA GLY C 136 1.79 -34.14 -6.01
C GLY C 136 1.69 -32.79 -6.73
N LEU C 137 0.82 -32.75 -7.73
CA LEU C 137 0.55 -31.57 -8.54
C LEU C 137 -0.93 -31.26 -8.36
N ALA C 138 -1.26 -29.96 -8.48
CA ALA C 138 -2.61 -29.47 -8.40
C ALA C 138 -2.78 -28.37 -9.46
N VAL C 139 -3.89 -28.45 -10.19
CA VAL C 139 -4.18 -27.54 -11.28
C VAL C 139 -5.49 -26.84 -10.92
N LEU C 140 -5.46 -25.49 -11.02
CA LEU C 140 -6.65 -24.66 -10.99
C LEU C 140 -7.05 -24.38 -12.43
N ALA C 141 -8.31 -24.69 -12.73
CA ALA C 141 -8.84 -24.56 -14.07
C ALA C 141 -10.08 -23.65 -14.09
N ALA C 142 -10.12 -22.71 -15.03
CA ALA C 142 -11.30 -21.89 -15.26
C ALA C 142 -11.65 -21.86 -16.74
N PHE C 143 -12.94 -21.95 -17.02
CA PHE C 143 -13.46 -21.73 -18.36
C PHE C 143 -13.43 -20.26 -18.73
N LEU C 144 -13.09 -19.97 -19.99
CA LEU C 144 -13.11 -18.65 -20.58
C LEU C 144 -14.28 -18.64 -21.57
N GLU C 145 -15.20 -17.67 -21.39
CA GLU C 145 -16.39 -17.49 -22.23
C GLU C 145 -16.37 -16.12 -22.90
N GLU C 146 -17.24 -15.95 -23.90
CA GLU C 146 -17.29 -14.71 -24.65
C GLU C 146 -18.13 -13.68 -23.89
N GLY C 147 -17.59 -12.49 -23.65
CA GLY C 147 -18.36 -11.44 -23.00
C GLY C 147 -18.40 -10.11 -23.78
N PRO C 148 -19.31 -9.18 -23.40
CA PRO C 148 -19.35 -7.86 -24.04
C PRO C 148 -18.09 -7.01 -23.94
N GLU C 149 -17.35 -7.09 -22.83
CA GLU C 149 -16.24 -6.18 -22.59
C GLU C 149 -14.91 -6.88 -22.81
N GLU C 150 -13.91 -6.07 -23.15
CA GLU C 150 -12.51 -6.44 -23.12
C GLU C 150 -12.08 -6.73 -21.67
N ASN C 151 -11.47 -7.89 -21.46
CA ASN C 151 -10.92 -8.28 -20.16
C ASN C 151 -9.53 -7.69 -20.02
N SER C 152 -9.36 -6.78 -19.06
CA SER C 152 -8.10 -6.09 -18.86
C SER C 152 -6.98 -7.07 -18.47
N ALA C 153 -7.29 -8.10 -17.68
CA ALA C 153 -6.19 -8.91 -17.16
C ALA C 153 -5.57 -9.75 -18.29
N TYR C 154 -6.44 -10.34 -19.10
CA TYR C 154 -5.98 -11.22 -20.19
C TYR C 154 -5.26 -10.38 -21.25
N GLU C 155 -5.64 -9.10 -21.37
CA GLU C 155 -5.09 -8.21 -22.38
C GLU C 155 -3.58 -8.10 -22.19
N GLN C 156 -3.12 -8.16 -20.94
CA GLN C 156 -1.69 -8.15 -20.68
C GLN C 156 -0.95 -9.32 -21.37
N LEU C 157 -1.66 -10.45 -21.58
CA LEU C 157 -1.05 -11.62 -22.18
C LEU C 157 -1.34 -11.61 -23.68
N LEU C 158 -2.59 -11.37 -24.03
CA LEU C 158 -3.05 -11.49 -25.41
C LEU C 158 -2.34 -10.48 -26.29
N SER C 159 -2.02 -9.30 -25.74
CA SER C 159 -1.39 -8.28 -26.55
C SER C 159 0.07 -8.63 -26.82
N ARG C 160 0.58 -9.75 -26.29
CA ARG C 160 1.98 -10.01 -26.50
C ARG C 160 2.17 -11.24 -27.37
N LEU C 161 1.08 -11.84 -27.87
CA LEU C 161 1.14 -13.12 -28.55
C LEU C 161 1.75 -12.96 -29.94
N GLU C 162 1.55 -11.79 -30.56
CA GLU C 162 2.10 -11.54 -31.88
C GLU C 162 3.62 -11.67 -31.84
N GLU C 163 4.25 -11.09 -30.81
CA GLU C 163 5.70 -11.18 -30.64
C GLU C 163 6.26 -12.59 -30.59
N ILE C 164 5.43 -13.57 -30.16
CA ILE C 164 5.89 -14.94 -30.00
C ILE C 164 5.08 -15.88 -30.91
N ALA C 165 4.70 -15.39 -32.10
CA ALA C 165 3.85 -16.17 -33.01
C ALA C 165 4.56 -17.44 -33.52
N GLU C 166 5.89 -17.38 -33.68
CA GLU C 166 6.68 -18.50 -34.18
C GLU C 166 6.86 -19.55 -33.10
N GLU C 167 6.54 -20.81 -33.42
CA GLU C 167 6.82 -21.94 -32.56
C GLU C 167 8.20 -21.76 -31.92
N GLY C 168 8.27 -21.93 -30.59
CA GLY C 168 9.51 -21.88 -29.84
C GLY C 168 10.03 -20.46 -29.58
N SER C 169 9.29 -19.40 -29.92
CA SER C 169 9.75 -18.07 -29.56
C SER C 169 9.21 -17.68 -28.18
N GLU C 170 9.88 -16.73 -27.55
CA GLU C 170 9.52 -16.30 -26.20
C GLU C 170 9.81 -14.81 -26.02
N THR C 171 9.06 -14.18 -25.10
CA THR C 171 9.29 -12.79 -24.73
C THR C 171 9.23 -12.66 -23.21
N GLN C 172 9.67 -11.52 -22.69
CA GLN C 172 9.55 -11.18 -21.28
C GLN C 172 8.37 -10.20 -21.14
N VAL C 173 7.44 -10.48 -20.21
CA VAL C 173 6.31 -9.60 -19.96
C VAL C 173 6.40 -9.04 -18.54
N PRO C 174 5.89 -7.80 -18.29
CA PRO C 174 5.86 -7.25 -16.94
C PRO C 174 5.06 -8.13 -15.98
N GLY C 175 5.44 -8.13 -14.70
CA GLY C 175 4.60 -8.73 -13.67
C GLY C 175 3.15 -8.26 -13.78
N LEU C 176 2.22 -9.18 -13.50
CA LEU C 176 0.79 -8.90 -13.47
C LEU C 176 0.17 -9.61 -12.25
N ASP C 177 -1.07 -9.24 -11.97
CA ASP C 177 -1.82 -9.88 -10.90
C ASP C 177 -2.45 -11.14 -11.48
N ILE C 178 -1.85 -12.27 -11.13
CA ILE C 178 -2.27 -13.57 -11.68
C ILE C 178 -3.66 -13.92 -11.17
N SER C 179 -3.98 -13.52 -9.96
CA SER C 179 -5.30 -13.83 -9.40
C SER C 179 -6.44 -13.12 -10.15
N ALA C 180 -6.14 -12.03 -10.85
CA ALA C 180 -7.14 -11.33 -11.63
C ALA C 180 -7.57 -12.10 -12.87
N LEU C 181 -6.84 -13.18 -13.23
CA LEU C 181 -7.23 -14.03 -14.36
C LEU C 181 -8.28 -15.07 -13.99
N LEU C 182 -8.60 -15.17 -12.69
CA LEU C 182 -9.44 -16.24 -12.18
C LEU C 182 -10.85 -15.70 -11.84
N PRO C 183 -11.87 -16.57 -11.76
CA PRO C 183 -13.23 -16.18 -11.42
C PRO C 183 -13.37 -15.52 -10.06
N SER C 184 -14.60 -15.08 -9.80
CA SER C 184 -14.93 -14.25 -8.67
C SER C 184 -14.99 -15.02 -7.37
N ASP C 185 -15.67 -16.17 -7.35
CA ASP C 185 -15.90 -16.89 -6.11
C ASP C 185 -14.98 -18.11 -5.95
N PHE C 186 -14.03 -18.02 -5.03
CA PHE C 186 -13.06 -19.07 -4.72
C PHE C 186 -13.66 -20.17 -3.83
N SER C 187 -14.95 -20.07 -3.47
CA SER C 187 -15.65 -21.07 -2.64
C SER C 187 -16.42 -22.07 -3.50
N ARG C 188 -16.51 -21.86 -4.82
CA ARG C 188 -17.41 -22.64 -5.64
C ARG C 188 -16.63 -23.34 -6.75
N TYR C 189 -16.49 -24.68 -6.61
CA TYR C 189 -15.63 -25.42 -7.54
C TYR C 189 -15.94 -26.92 -7.54
N PHE C 190 -15.56 -27.55 -8.66
CA PHE C 190 -15.56 -29.00 -8.78
C PHE C 190 -14.13 -29.49 -8.52
N GLN C 191 -13.96 -30.71 -7.97
CA GLN C 191 -12.64 -31.27 -7.74
C GLN C 191 -12.66 -32.79 -7.97
N TYR C 192 -11.59 -33.35 -8.56
CA TYR C 192 -11.41 -34.80 -8.72
C TYR C 192 -9.91 -35.07 -8.93
N GLU C 193 -9.52 -36.33 -8.88
CA GLU C 193 -8.12 -36.69 -9.14
C GLU C 193 -7.98 -37.29 -10.53
N GLY C 194 -7.06 -36.75 -11.31
CA GLY C 194 -6.80 -37.21 -12.67
C GLY C 194 -5.33 -37.07 -13.04
N SER C 195 -5.06 -36.48 -14.20
CA SER C 195 -3.79 -36.67 -14.88
C SER C 195 -3.40 -35.35 -15.53
N LEU C 196 -2.14 -35.20 -15.94
CA LEU C 196 -1.78 -34.21 -16.95
C LEU C 196 -2.53 -34.55 -18.25
N THR C 197 -2.84 -33.52 -19.06
CA THR C 197 -3.61 -33.69 -20.26
C THR C 197 -2.70 -33.66 -21.48
N THR C 198 -1.39 -33.61 -21.22
CA THR C 198 -0.36 -33.74 -22.23
C THR C 198 0.58 -34.86 -21.77
N PRO C 199 1.28 -35.58 -22.68
CA PRO C 199 2.31 -36.53 -22.24
C PRO C 199 3.27 -35.78 -21.33
N PRO C 200 3.76 -36.39 -20.21
CA PRO C 200 3.64 -37.82 -19.95
C PRO C 200 2.35 -38.33 -19.30
N CYS C 201 1.31 -37.49 -19.22
CA CYS C 201 0.01 -37.95 -18.75
C CYS C 201 0.09 -38.60 -17.37
N ALA C 202 0.95 -38.07 -16.49
CA ALA C 202 1.09 -38.59 -15.13
C ALA C 202 -0.21 -38.44 -14.36
N GLN C 203 -0.54 -39.44 -13.54
CA GLN C 203 -1.73 -39.46 -12.71
C GLN C 203 -1.35 -38.86 -11.34
N GLY C 204 -2.34 -38.79 -10.45
CA GLY C 204 -2.21 -38.19 -9.11
C GLY C 204 -2.46 -36.66 -9.09
N VAL C 205 -2.85 -36.05 -10.21
CA VAL C 205 -3.06 -34.61 -10.27
C VAL C 205 -4.43 -34.24 -9.67
N ILE C 206 -4.47 -33.32 -8.70
CA ILE C 206 -5.74 -32.84 -8.18
C ILE C 206 -6.22 -31.67 -9.05
N TRP C 207 -7.36 -31.87 -9.71
CA TRP C 207 -7.97 -30.87 -10.59
C TRP C 207 -9.08 -30.16 -9.82
N THR C 208 -8.98 -28.83 -9.78
CA THR C 208 -10.04 -27.98 -9.22
C THR C 208 -10.54 -27.09 -10.35
N VAL C 209 -11.82 -27.27 -10.74
CA VAL C 209 -12.42 -26.50 -11.82
C VAL C 209 -13.43 -25.54 -11.20
N PHE C 210 -13.20 -24.22 -11.32
CA PHE C 210 -14.14 -23.22 -10.82
C PHE C 210 -15.51 -23.41 -11.48
N GLN C 211 -16.57 -23.29 -10.68
CA GLN C 211 -17.92 -23.24 -11.23
C GLN C 211 -18.14 -22.03 -12.15
N GLN C 212 -17.69 -20.84 -11.71
CA GLN C 212 -17.91 -19.64 -12.49
C GLN C 212 -16.82 -19.47 -13.53
N THR C 213 -17.18 -18.78 -14.59
CA THR C 213 -16.30 -18.55 -15.73
C THR C 213 -15.75 -17.12 -15.73
N VAL C 214 -14.83 -16.88 -16.64
CA VAL C 214 -14.30 -15.55 -16.89
C VAL C 214 -14.66 -15.19 -18.33
N MET C 215 -14.84 -13.88 -18.57
CA MET C 215 -15.33 -13.36 -19.84
C MET C 215 -14.23 -12.57 -20.56
N LEU C 216 -14.00 -12.96 -21.81
CA LEU C 216 -13.14 -12.25 -22.76
C LEU C 216 -14.01 -11.76 -23.93
N SER C 217 -13.51 -10.74 -24.63
CA SER C 217 -14.21 -10.21 -25.80
C SER C 217 -14.01 -11.17 -26.98
N ALA C 218 -14.94 -11.10 -27.93
CA ALA C 218 -14.79 -11.86 -29.16
C ALA C 218 -13.44 -11.56 -29.80
N LYS C 219 -13.00 -10.29 -29.75
CA LYS C 219 -11.71 -9.92 -30.34
C LYS C 219 -10.54 -10.61 -29.64
N GLN C 220 -10.68 -10.83 -28.32
CA GLN C 220 -9.62 -11.43 -27.50
C GLN C 220 -9.48 -12.92 -27.77
N LEU C 221 -10.61 -13.62 -27.90
CA LEU C 221 -10.65 -15.03 -28.23
C LEU C 221 -10.15 -15.29 -29.65
N HIS C 222 -10.51 -14.39 -30.59
CA HIS C 222 -9.91 -14.43 -31.91
C HIS C 222 -8.39 -14.30 -31.78
N THR C 223 -7.89 -13.32 -31.02
CA THR C 223 -6.45 -13.15 -30.89
C THR C 223 -5.81 -14.42 -30.33
N LEU C 224 -6.45 -15.04 -29.33
CA LEU C 224 -5.92 -16.22 -28.67
C LEU C 224 -5.76 -17.35 -29.70
N SER C 225 -6.81 -17.56 -30.49
CA SER C 225 -6.88 -18.75 -31.34
C SER C 225 -6.25 -18.54 -32.73
N ASP C 226 -5.84 -17.31 -33.08
CA ASP C 226 -5.47 -17.02 -34.46
C ASP C 226 -4.09 -16.38 -34.57
N THR C 227 -3.33 -16.30 -33.47
CA THR C 227 -2.09 -15.57 -33.53
C THR C 227 -0.90 -16.52 -33.60
N LEU C 228 -1.03 -17.70 -32.97
CA LEU C 228 0.15 -18.50 -32.68
C LEU C 228 0.28 -19.62 -33.73
N TRP C 229 1.53 -19.97 -34.03
CA TRP C 229 1.84 -21.05 -34.98
C TRP C 229 2.52 -22.21 -34.25
N GLY C 230 2.15 -23.43 -34.64
CA GLY C 230 2.54 -24.62 -33.91
C GLY C 230 3.53 -25.48 -34.69
N PRO C 231 3.47 -26.83 -34.53
CA PRO C 231 4.42 -27.72 -35.17
C PRO C 231 4.19 -27.69 -36.68
N GLY C 232 5.28 -27.70 -37.44
CA GLY C 232 5.24 -27.63 -38.89
C GLY C 232 5.07 -26.19 -39.32
N ASP C 233 4.19 -25.95 -40.30
CA ASP C 233 3.76 -24.60 -40.59
C ASP C 233 2.24 -24.59 -40.48
N SER C 234 1.76 -25.06 -39.32
CA SER C 234 0.33 -25.10 -38.99
C SER C 234 0.01 -24.13 -37.85
N ARG C 235 -1.26 -23.74 -37.78
CA ARG C 235 -1.72 -22.79 -36.77
C ARG C 235 -1.86 -23.55 -35.45
N LEU C 236 -1.47 -22.91 -34.36
CA LEU C 236 -1.67 -23.50 -33.05
C LEU C 236 -3.10 -23.26 -32.61
N GLN C 237 -3.93 -24.30 -32.79
CA GLN C 237 -5.35 -24.22 -32.54
C GLN C 237 -5.85 -25.58 -32.07
N LEU C 238 -7.03 -25.58 -31.43
CA LEU C 238 -7.70 -26.79 -31.03
C LEU C 238 -6.75 -27.66 -30.18
N ASN C 239 -6.03 -27.03 -29.23
CA ASN C 239 -4.99 -27.69 -28.44
C ASN C 239 -5.57 -28.25 -27.15
N PHE C 240 -6.64 -29.03 -27.27
CA PHE C 240 -7.26 -29.66 -26.13
C PHE C 240 -7.31 -31.18 -26.35
N ARG C 241 -7.34 -31.92 -25.24
CA ARG C 241 -7.44 -33.35 -25.26
C ARG C 241 -8.90 -33.72 -25.10
N ALA C 242 -9.34 -34.80 -25.77
CA ALA C 242 -10.71 -35.28 -25.62
C ALA C 242 -10.92 -35.70 -24.19
N THR C 243 -12.17 -35.69 -23.74
CA THR C 243 -12.48 -36.04 -22.38
C THR C 243 -12.36 -37.55 -22.22
N GLN C 244 -12.13 -37.96 -20.97
CA GLN C 244 -11.67 -39.27 -20.59
C GLN C 244 -12.70 -39.84 -19.64
N PRO C 245 -12.94 -41.17 -19.66
CA PRO C 245 -13.92 -41.77 -18.75
C PRO C 245 -13.55 -41.64 -17.28
N LEU C 246 -14.56 -41.42 -16.44
CA LEU C 246 -14.38 -41.30 -15.00
C LEU C 246 -13.89 -42.63 -14.41
N ASN C 247 -14.35 -43.77 -14.94
CA ASN C 247 -13.96 -45.08 -14.43
C ASN C 247 -14.16 -45.19 -12.93
N GLY C 248 -15.34 -44.78 -12.47
CA GLY C 248 -15.75 -44.93 -11.07
C GLY C 248 -15.44 -43.71 -10.18
N ARG C 249 -14.58 -42.80 -10.63
CA ARG C 249 -14.32 -41.56 -9.91
C ARG C 249 -15.63 -40.77 -9.79
N VAL C 250 -15.92 -40.22 -8.59
CA VAL C 250 -17.04 -39.31 -8.41
C VAL C 250 -16.52 -37.87 -8.33
N ILE C 251 -16.94 -36.98 -9.23
CA ILE C 251 -16.54 -35.58 -9.14
C ILE C 251 -17.18 -34.95 -7.91
N GLU C 252 -16.37 -34.22 -7.11
CA GLU C 252 -16.88 -33.58 -5.89
C GLU C 252 -17.17 -32.10 -6.18
N ALA C 253 -18.14 -31.54 -5.44
CA ALA C 253 -18.55 -30.14 -5.58
C ALA C 253 -18.56 -29.46 -4.22
N SER C 254 -18.06 -28.20 -4.15
CA SER C 254 -17.90 -27.48 -2.88
C SER C 254 -19.20 -26.78 -2.48
N PHE C 255 -20.25 -26.97 -3.27
CA PHE C 255 -21.50 -26.26 -3.07
C PHE C 255 -22.64 -27.21 -3.40
N PRO C 256 -23.79 -27.06 -2.70
CA PRO C 256 -24.96 -27.92 -2.94
C PRO C 256 -25.67 -27.60 -4.26
N VAL D 17 19.80 12.77 -15.41
CA VAL D 17 20.03 13.35 -16.78
C VAL D 17 18.87 14.28 -17.13
N SER D 18 18.52 15.21 -16.23
CA SER D 18 17.51 16.23 -16.50
C SER D 18 18.15 17.34 -17.34
N PRO D 19 17.51 17.75 -18.47
CA PRO D 19 18.04 18.84 -19.30
C PRO D 19 18.23 20.11 -18.49
N ALA D 20 17.37 20.32 -17.48
CA ALA D 20 17.38 21.55 -16.70
C ALA D 20 18.72 21.73 -15.96
N CYS D 21 19.45 20.61 -15.70
CA CYS D 21 20.74 20.65 -15.00
C CYS D 21 21.81 21.36 -15.84
N ALA D 22 21.42 21.69 -17.08
CA ALA D 22 22.29 22.40 -18.01
C ALA D 22 21.74 23.80 -18.30
N GLY D 23 20.85 24.29 -17.45
CA GLY D 23 20.31 25.63 -17.64
C GLY D 23 21.41 26.69 -17.41
N ARG D 24 21.16 27.92 -17.84
CA ARG D 24 22.10 29.03 -17.70
C ARG D 24 22.13 29.55 -16.27
N PHE D 25 21.04 29.38 -15.51
CA PHE D 25 20.83 30.11 -14.26
C PHE D 25 20.64 29.12 -13.10
N GLN D 26 21.74 28.45 -12.77
CA GLN D 26 21.74 27.38 -11.79
C GLN D 26 22.26 27.86 -10.43
N SER D 27 22.12 26.97 -9.45
CA SER D 27 22.58 27.17 -8.10
C SER D 27 23.44 25.98 -7.72
N PRO D 28 24.32 26.05 -6.71
CA PRO D 28 24.56 27.26 -5.92
C PRO D 28 25.56 28.18 -6.63
N VAL D 29 25.76 29.35 -6.04
CA VAL D 29 26.61 30.42 -6.58
C VAL D 29 27.56 30.91 -5.49
N ASP D 30 28.63 31.59 -5.94
CA ASP D 30 29.55 32.30 -5.06
C ASP D 30 29.00 33.68 -4.78
N ILE D 31 28.68 33.99 -3.53
CA ILE D 31 28.18 35.30 -3.21
C ILE D 31 29.37 36.24 -2.99
N ARG D 32 29.37 37.38 -3.68
CA ARG D 32 30.39 38.42 -3.53
C ARG D 32 29.73 39.67 -2.99
N PRO D 33 29.75 39.90 -1.67
CA PRO D 33 28.99 41.00 -1.07
C PRO D 33 29.22 42.38 -1.68
N GLN D 34 30.39 42.60 -2.30
CA GLN D 34 30.70 43.89 -2.93
C GLN D 34 29.87 44.10 -4.20
N LEU D 35 29.54 43.02 -4.91
CA LEU D 35 28.76 43.09 -6.15
C LEU D 35 27.25 42.97 -5.94
N ALA D 36 26.80 42.84 -4.69
CA ALA D 36 25.40 42.64 -4.42
C ALA D 36 24.67 43.98 -4.47
N ALA D 37 23.44 44.00 -4.96
CA ALA D 37 22.73 45.24 -5.06
C ALA D 37 21.89 45.41 -3.79
N PHE D 38 22.12 46.52 -3.08
CA PHE D 38 21.35 46.84 -1.89
C PHE D 38 19.93 47.15 -2.31
N SER D 39 18.95 46.48 -1.67
CA SER D 39 17.56 46.55 -2.13
C SER D 39 16.59 46.77 -0.96
N PRO D 40 16.30 48.04 -0.61
CA PRO D 40 15.52 48.39 0.59
C PRO D 40 14.15 47.77 0.62
N ALA D 41 13.68 47.28 -0.54
CA ALA D 41 12.38 46.63 -0.58
C ALA D 41 12.39 45.27 0.14
N LEU D 42 13.58 44.69 0.36
CA LEU D 42 13.73 43.39 0.99
C LEU D 42 13.55 43.52 2.50
N ARG D 43 12.36 43.09 2.97
CA ARG D 43 11.95 43.20 4.36
C ARG D 43 12.30 41.93 5.15
N PRO D 44 12.21 41.99 6.50
CA PRO D 44 12.48 40.82 7.33
C PRO D 44 11.50 39.69 6.96
N LEU D 45 12.06 38.50 6.81
CA LEU D 45 11.31 37.27 6.58
C LEU D 45 10.38 37.06 7.76
N GLU D 46 9.23 36.46 7.48
CA GLU D 46 8.29 36.11 8.52
C GLU D 46 7.90 34.64 8.37
N LEU D 47 7.90 33.96 9.52
CA LEU D 47 7.65 32.53 9.65
C LEU D 47 6.52 32.33 10.66
N LEU D 48 5.51 31.52 10.32
CA LEU D 48 4.41 31.17 11.23
C LEU D 48 4.27 29.66 11.23
N GLY D 49 4.09 29.07 12.44
CA GLY D 49 3.79 27.65 12.56
C GLY D 49 5.04 26.78 12.65
N PHE D 50 6.21 27.38 12.82
CA PHE D 50 7.45 26.61 12.80
C PHE D 50 7.77 26.02 14.18
N GLN D 51 7.09 26.47 15.25
CA GLN D 51 7.35 25.88 16.56
C GLN D 51 6.47 24.66 16.78
N LEU D 52 7.00 23.48 16.46
CA LEU D 52 6.14 22.32 16.43
C LEU D 52 6.07 21.67 17.81
N PRO D 53 4.91 21.07 18.18
CA PRO D 53 4.82 20.21 19.35
C PRO D 53 5.50 18.88 19.11
N PRO D 54 5.75 18.08 20.18
CA PRO D 54 6.38 16.78 20.02
C PRO D 54 5.65 15.80 19.09
N LEU D 55 4.31 15.86 19.07
CA LEU D 55 3.49 14.95 18.28
C LEU D 55 2.62 15.78 17.37
N PRO D 56 2.37 15.35 16.11
CA PRO D 56 2.91 14.11 15.54
C PRO D 56 4.41 14.13 15.22
N GLU D 57 5.01 12.96 15.18
CA GLU D 57 6.42 12.86 14.80
C GLU D 57 6.60 13.13 13.31
N LEU D 58 7.86 13.42 12.92
CA LEU D 58 8.27 13.78 11.58
C LEU D 58 9.19 12.68 11.03
N ARG D 59 9.18 12.42 9.73
CA ARG D 59 10.05 11.41 9.16
C ARG D 59 11.41 12.04 8.80
N LEU D 60 12.48 11.38 9.24
CA LEU D 60 13.89 11.73 9.05
C LEU D 60 14.50 10.59 8.26
N ARG D 61 14.94 10.90 7.05
CA ARG D 61 15.41 9.87 6.13
C ARG D 61 16.83 10.15 5.61
N ASN D 62 17.63 9.09 5.55
CA ASN D 62 18.85 9.04 4.76
C ASN D 62 18.51 8.61 3.33
N ASN D 63 18.49 9.56 2.39
CA ASN D 63 18.02 9.25 1.05
C ASN D 63 19.22 8.89 0.15
N GLY D 64 20.42 8.81 0.75
CA GLY D 64 21.62 8.50 -0.01
C GLY D 64 22.33 9.73 -0.54
N HIS D 65 21.70 10.92 -0.50
CA HIS D 65 22.34 12.14 -0.97
C HIS D 65 22.40 13.17 0.15
N SER D 66 21.50 13.08 1.12
CA SER D 66 21.48 13.95 2.28
C SER D 66 20.64 13.29 3.40
N VAL D 67 20.50 13.99 4.51
CA VAL D 67 19.51 13.65 5.53
C VAL D 67 18.41 14.69 5.36
N GLN D 68 17.17 14.21 5.18
CA GLN D 68 16.02 15.06 4.89
C GLN D 68 14.94 14.84 5.96
N LEU D 69 14.41 15.95 6.44
CA LEU D 69 13.33 15.94 7.42
C LEU D 69 12.08 16.43 6.70
N THR D 70 11.05 15.57 6.66
CA THR D 70 9.78 15.97 6.04
C THR D 70 9.02 16.83 7.03
N LEU D 71 8.54 17.99 6.56
CA LEU D 71 7.86 18.92 7.46
C LEU D 71 6.37 18.79 7.22
N PRO D 72 5.54 19.07 8.26
CA PRO D 72 4.09 18.88 8.19
C PRO D 72 3.41 20.08 7.54
N PRO D 73 2.12 20.01 7.18
CA PRO D 73 1.41 21.19 6.71
C PRO D 73 1.38 22.20 7.83
N GLY D 74 1.20 23.45 7.45
CA GLY D 74 0.98 24.53 8.41
C GLY D 74 2.18 25.44 8.63
N LEU D 75 3.32 25.23 7.94
CA LEU D 75 4.50 26.07 8.15
C LEU D 75 4.53 27.14 7.06
N GLU D 76 4.16 28.38 7.39
CA GLU D 76 4.01 29.45 6.44
C GLU D 76 5.24 30.35 6.50
N MET D 77 5.70 30.79 5.32
CA MET D 77 6.85 31.67 5.19
C MET D 77 6.50 32.73 4.15
N ALA D 78 6.73 34.00 4.50
CA ALA D 78 6.53 35.09 3.57
C ALA D 78 7.87 35.78 3.30
N LEU D 79 8.19 35.96 2.02
CA LEU D 79 9.41 36.65 1.60
C LEU D 79 9.14 38.15 1.56
N GLY D 80 7.86 38.50 1.62
CA GLY D 80 7.44 39.88 1.64
C GLY D 80 5.95 39.90 1.40
N PRO D 81 5.30 41.06 1.44
CA PRO D 81 3.85 41.13 1.19
C PRO D 81 3.45 40.53 -0.14
N GLY D 82 2.54 39.55 -0.10
CA GLY D 82 2.11 38.91 -1.33
C GLY D 82 3.11 37.88 -1.86
N ARG D 83 4.16 37.52 -1.10
CA ARG D 83 5.08 36.48 -1.57
C ARG D 83 5.08 35.34 -0.55
N GLU D 84 4.04 34.48 -0.63
CA GLU D 84 3.73 33.54 0.44
C GLU D 84 4.10 32.13 0.02
N TYR D 85 4.66 31.36 0.96
CA TYR D 85 5.14 30.01 0.72
C TYR D 85 4.74 29.10 1.88
N ARG D 86 4.84 27.76 1.66
CA ARG D 86 4.69 26.80 2.76
C ARG D 86 5.84 25.81 2.70
N ALA D 87 6.36 25.44 3.89
CA ALA D 87 7.55 24.61 3.97
C ALA D 87 7.20 23.14 3.70
N LEU D 88 8.08 22.47 2.93
CA LEU D 88 7.95 21.07 2.53
C LEU D 88 8.90 20.15 3.30
N GLN D 89 10.16 20.58 3.44
CA GLN D 89 11.19 19.72 3.98
C GLN D 89 12.44 20.56 4.27
N LEU D 90 13.35 19.95 5.04
CA LEU D 90 14.67 20.52 5.22
C LEU D 90 15.71 19.40 5.09
N HIS D 91 16.91 19.81 4.67
CA HIS D 91 18.02 18.89 4.52
C HIS D 91 19.34 19.68 4.66
N LEU D 92 20.45 18.92 4.65
CA LEU D 92 21.75 19.46 4.98
C LEU D 92 22.80 19.04 3.94
N HIS D 93 23.81 19.89 3.82
CA HIS D 93 24.96 19.63 2.97
C HIS D 93 26.19 19.87 3.84
N TRP D 94 27.15 18.95 3.72
CA TRP D 94 28.30 18.90 4.60
C TRP D 94 29.52 18.36 3.86
N GLY D 95 30.66 18.41 4.53
CA GLY D 95 31.91 18.00 3.90
C GLY D 95 32.45 16.67 4.44
N ALA D 96 33.64 16.75 5.06
CA ALA D 96 34.34 15.60 5.62
C ALA D 96 35.35 16.11 6.65
N ALA D 97 36.14 15.20 7.24
CA ALA D 97 37.13 15.61 8.22
C ALA D 97 38.13 16.57 7.56
N GLY D 98 38.18 17.81 8.09
CA GLY D 98 39.05 18.87 7.60
C GLY D 98 38.67 19.44 6.23
N ARG D 99 37.40 19.26 5.78
CA ARG D 99 36.99 19.70 4.46
C ARG D 99 35.59 20.32 4.52
N PRO D 100 35.42 21.60 4.13
CA PRO D 100 34.11 22.22 4.20
C PRO D 100 33.21 21.65 3.11
N GLY D 101 31.91 21.86 3.29
CA GLY D 101 30.92 21.26 2.41
C GLY D 101 29.65 22.10 2.23
N SER D 102 29.65 23.40 2.58
CA SER D 102 28.56 24.28 2.19
C SER D 102 28.39 24.26 0.66
N GLU D 103 27.19 24.69 0.21
CA GLU D 103 26.90 24.72 -1.21
C GLU D 103 27.23 26.12 -1.74
N HIS D 104 26.61 27.15 -1.17
CA HIS D 104 27.01 28.50 -1.45
C HIS D 104 28.39 28.76 -0.84
N THR D 105 29.12 29.70 -1.47
CA THR D 105 30.40 30.19 -0.97
C THR D 105 30.27 31.70 -0.90
N VAL D 106 31.09 32.31 -0.02
CA VAL D 106 31.16 33.75 0.09
C VAL D 106 32.60 34.20 -0.18
N GLU D 107 32.80 34.93 -1.28
CA GLU D 107 34.11 35.39 -1.73
C GLU D 107 35.03 34.17 -1.77
N GLY D 108 34.48 33.05 -2.25
CA GLY D 108 35.24 31.84 -2.49
C GLY D 108 35.38 30.98 -1.23
N HIS D 109 34.97 31.48 -0.07
CA HIS D 109 35.08 30.70 1.16
C HIS D 109 33.90 29.70 1.27
N ARG D 110 34.21 28.41 1.49
CA ARG D 110 33.25 27.34 1.73
C ARG D 110 33.12 27.12 3.24
N PHE D 111 31.87 27.13 3.74
CA PHE D 111 31.61 26.94 5.18
C PHE D 111 31.50 25.44 5.44
N PRO D 112 31.65 24.99 6.72
CA PRO D 112 31.61 23.56 7.01
C PRO D 112 30.33 22.84 6.52
N ALA D 113 29.16 23.46 6.74
CA ALA D 113 27.93 22.86 6.25
C ALA D 113 26.87 23.94 5.98
N GLU D 114 25.67 23.51 5.52
CA GLU D 114 24.61 24.45 5.15
C GLU D 114 23.29 23.71 5.29
N ILE D 115 22.27 24.42 5.77
CA ILE D 115 20.91 23.93 5.86
C ILE D 115 20.06 24.64 4.82
N HIS D 116 19.20 23.84 4.21
CA HIS D 116 18.21 24.29 3.26
C HIS D 116 16.79 23.91 3.74
N VAL D 117 15.91 24.92 3.81
CA VAL D 117 14.50 24.69 4.02
C VAL D 117 13.75 25.03 2.72
N VAL D 118 13.20 23.98 2.12
CA VAL D 118 12.53 24.08 0.81
C VAL D 118 11.03 24.34 0.97
N HIS D 119 10.54 25.32 0.22
CA HIS D 119 9.17 25.79 0.31
C HIS D 119 8.51 25.85 -1.06
N LEU D 120 7.17 25.68 -1.08
CA LEU D 120 6.32 25.77 -2.25
C LEU D 120 5.42 27.02 -2.19
N SER D 121 5.37 27.77 -3.28
CA SER D 121 4.48 28.91 -3.35
C SER D 121 3.02 28.44 -3.13
N THR D 122 2.24 29.26 -2.41
CA THR D 122 0.82 28.97 -2.16
C THR D 122 -0.01 29.01 -3.43
N ALA D 123 0.57 29.45 -4.56
CA ALA D 123 -0.14 29.50 -5.83
C ALA D 123 -0.18 28.13 -6.48
N PHE D 124 0.54 27.17 -5.90
CA PHE D 124 0.66 25.84 -6.47
C PHE D 124 0.31 24.79 -5.41
N ALA D 125 -0.43 23.76 -5.84
CA ALA D 125 -0.81 22.64 -5.00
C ALA D 125 0.32 21.63 -4.89
N ARG D 126 1.11 21.47 -5.95
CA ARG D 126 2.11 20.40 -6.00
C ARG D 126 3.45 20.92 -6.50
N VAL D 127 4.54 20.31 -6.07
CA VAL D 127 5.86 20.66 -6.56
C VAL D 127 5.93 20.55 -8.09
N ASP D 128 5.36 19.51 -8.68
CA ASP D 128 5.60 19.36 -10.11
C ASP D 128 4.97 20.45 -10.97
N GLU D 129 3.94 21.18 -10.52
CA GLU D 129 3.42 22.34 -11.23
C GLU D 129 4.31 23.58 -11.00
N ALA D 130 5.03 23.63 -9.87
CA ALA D 130 5.83 24.79 -9.52
C ALA D 130 7.19 24.75 -10.23
N LEU D 131 7.65 23.57 -10.63
CA LEU D 131 9.03 23.37 -11.09
C LEU D 131 9.23 24.23 -12.34
N GLY D 132 10.31 25.01 -12.38
CA GLY D 132 10.59 25.82 -13.57
C GLY D 132 9.68 27.05 -13.66
N ARG D 133 8.72 27.21 -12.73
CA ARG D 133 7.89 28.38 -12.80
C ARG D 133 8.49 29.47 -11.94
N PRO D 134 8.31 30.76 -12.30
CA PRO D 134 8.94 31.87 -11.60
C PRO D 134 8.46 32.00 -10.15
N GLY D 135 9.38 31.89 -9.20
CA GLY D 135 9.09 31.94 -7.77
C GLY D 135 8.22 30.77 -7.26
N GLY D 136 8.19 29.68 -8.02
CA GLY D 136 7.37 28.51 -7.69
C GLY D 136 7.86 27.81 -6.42
N LEU D 137 9.17 27.77 -6.24
CA LEU D 137 9.81 27.23 -5.03
C LEU D 137 10.68 28.33 -4.44
N ALA D 138 10.84 28.30 -3.10
CA ALA D 138 11.75 29.18 -2.38
C ALA D 138 12.52 28.36 -1.37
N VAL D 139 13.84 28.63 -1.29
CA VAL D 139 14.71 27.91 -0.37
C VAL D 139 15.30 28.93 0.61
N LEU D 140 15.23 28.59 1.89
CA LEU D 140 15.91 29.34 2.94
C LEU D 140 17.20 28.61 3.25
N ALA D 141 18.33 29.33 3.18
CA ALA D 141 19.65 28.70 3.37
C ALA D 141 20.46 29.45 4.42
N ALA D 142 21.10 28.68 5.30
CA ALA D 142 22.00 29.20 6.32
C ALA D 142 23.25 28.34 6.40
N PHE D 143 24.36 29.02 6.64
CA PHE D 143 25.64 28.34 6.79
C PHE D 143 25.74 27.85 8.22
N LEU D 144 26.36 26.69 8.38
CA LEU D 144 26.71 26.16 9.68
C LEU D 144 28.23 26.31 9.86
N GLU D 145 28.63 26.88 10.99
CA GLU D 145 30.05 27.06 11.29
C GLU D 145 30.40 26.44 12.65
N GLU D 146 31.71 26.33 12.89
CA GLU D 146 32.19 25.68 14.11
C GLU D 146 32.21 26.73 15.23
N GLY D 147 31.50 26.42 16.32
CA GLY D 147 31.55 27.23 17.53
C GLY D 147 31.94 26.41 18.76
N PRO D 148 32.15 27.08 19.92
CA PRO D 148 32.57 26.39 21.14
C PRO D 148 31.47 25.71 21.95
N GLU D 149 30.18 25.99 21.65
CA GLU D 149 29.06 25.38 22.36
C GLU D 149 28.36 24.31 21.51
N GLU D 150 27.71 23.35 22.20
CA GLU D 150 26.79 22.43 21.58
C GLU D 150 25.51 23.19 21.20
N ASN D 151 25.10 23.08 19.92
CA ASN D 151 23.82 23.64 19.50
C ASN D 151 22.71 22.68 19.92
N SER D 152 21.81 23.10 20.79
CA SER D 152 20.87 22.12 21.34
C SER D 152 19.69 21.90 20.39
N ALA D 153 19.33 22.92 19.60
CA ALA D 153 18.33 22.72 18.57
C ALA D 153 18.79 21.60 17.63
N TYR D 154 20.07 21.65 17.19
CA TYR D 154 20.60 20.70 16.23
C TYR D 154 20.80 19.31 16.86
N GLU D 155 21.07 19.26 18.17
CA GLU D 155 21.31 17.97 18.84
C GLU D 155 20.10 17.03 18.74
N GLN D 156 18.87 17.57 18.77
CA GLN D 156 17.69 16.75 18.54
C GLN D 156 17.73 15.96 17.24
N LEU D 157 18.32 16.51 16.18
CA LEU D 157 18.39 15.78 14.93
C LEU D 157 19.66 14.95 14.86
N LEU D 158 20.79 15.53 15.32
CA LEU D 158 22.09 14.87 15.15
C LEU D 158 22.16 13.58 15.96
N SER D 159 21.50 13.54 17.13
CA SER D 159 21.48 12.34 17.97
C SER D 159 20.74 11.17 17.33
N ARG D 160 19.96 11.45 16.28
CA ARG D 160 19.16 10.43 15.62
C ARG D 160 19.84 9.88 14.36
N LEU D 161 20.97 10.50 13.95
CA LEU D 161 21.61 10.09 12.71
C LEU D 161 22.05 8.64 12.73
N GLU D 162 22.48 8.15 13.90
CA GLU D 162 23.00 6.80 14.02
C GLU D 162 21.95 5.77 13.59
N GLU D 163 20.67 6.01 13.91
CA GLU D 163 19.58 5.13 13.52
C GLU D 163 19.38 5.04 12.01
N ILE D 164 19.82 6.05 11.26
CA ILE D 164 19.58 6.04 9.83
C ILE D 164 20.89 6.00 9.04
N ALA D 165 21.89 5.30 9.61
CA ALA D 165 23.22 5.24 9.01
C ALA D 165 23.12 4.61 7.63
N GLU D 166 22.25 3.60 7.52
CA GLU D 166 22.13 2.85 6.29
C GLU D 166 21.52 3.71 5.20
N GLU D 167 22.07 3.63 3.99
CA GLU D 167 21.46 4.32 2.88
C GLU D 167 20.00 3.86 2.69
N GLY D 168 19.10 4.83 2.54
CA GLY D 168 17.70 4.54 2.25
C GLY D 168 16.86 4.19 3.50
N SER D 169 17.40 4.46 4.69
CA SER D 169 16.75 4.17 5.94
C SER D 169 16.07 5.44 6.48
N GLU D 170 15.11 5.23 7.37
CA GLU D 170 14.36 6.34 7.93
C GLU D 170 13.97 6.04 9.37
N THR D 171 13.63 7.09 10.08
CA THR D 171 13.17 6.98 11.44
C THR D 171 12.19 8.13 11.69
N GLN D 172 11.41 8.01 12.77
CA GLN D 172 10.48 9.05 13.19
C GLN D 172 11.12 9.78 14.37
N VAL D 173 11.11 11.13 14.33
CA VAL D 173 11.59 11.99 15.40
C VAL D 173 10.49 12.94 15.88
N PRO D 174 10.52 13.38 17.16
CA PRO D 174 9.56 14.33 17.71
C PRO D 174 9.62 15.69 17.00
N GLY D 175 8.47 16.38 16.88
CA GLY D 175 8.44 17.78 16.45
C GLY D 175 9.39 18.62 17.32
N LEU D 176 9.88 19.74 16.77
CA LEU D 176 10.87 20.60 17.40
C LEU D 176 10.69 22.00 16.84
N ASP D 177 11.33 23.02 17.43
CA ASP D 177 11.26 24.37 16.88
C ASP D 177 12.12 24.43 15.61
N ILE D 178 11.49 24.42 14.43
CA ILE D 178 12.24 24.35 13.17
C ILE D 178 13.02 25.65 12.97
N SER D 179 12.44 26.77 13.39
CA SER D 179 13.09 28.05 13.19
C SER D 179 14.27 28.24 14.14
N ALA D 180 14.46 27.35 15.12
CA ALA D 180 15.64 27.39 15.96
C ALA D 180 16.80 26.71 15.26
N LEU D 181 16.57 26.12 14.07
CA LEU D 181 17.68 25.58 13.29
C LEU D 181 18.30 26.66 12.40
N LEU D 182 17.68 27.84 12.39
CA LEU D 182 18.03 28.94 11.50
C LEU D 182 18.63 30.07 12.34
N PRO D 183 19.31 31.05 11.71
CA PRO D 183 19.79 32.21 12.46
C PRO D 183 18.64 32.98 13.08
N SER D 184 18.99 33.70 14.13
CA SER D 184 18.13 34.64 14.82
C SER D 184 17.79 35.87 13.98
N ASP D 185 18.75 36.33 13.17
CA ASP D 185 18.54 37.55 12.39
C ASP D 185 17.85 37.24 11.05
N PHE D 186 16.58 37.67 10.92
CA PHE D 186 15.76 37.41 9.74
C PHE D 186 15.73 38.63 8.82
N SER D 187 16.56 39.64 9.14
CA SER D 187 16.54 40.94 8.47
C SER D 187 17.63 41.11 7.42
N ARG D 188 18.71 40.34 7.59
CA ARG D 188 19.95 40.48 6.84
C ARG D 188 20.23 39.22 6.01
N TYR D 189 20.07 39.37 4.69
CA TYR D 189 20.17 38.24 3.79
C TYR D 189 20.49 38.71 2.37
N PHE D 190 21.04 37.77 1.60
CA PHE D 190 21.12 37.86 0.16
C PHE D 190 19.95 37.11 -0.49
N GLN D 191 19.51 37.57 -1.68
CA GLN D 191 18.45 36.86 -2.40
C GLN D 191 18.75 36.85 -3.88
N TYR D 192 18.57 35.71 -4.54
CA TYR D 192 18.72 35.64 -5.99
C TYR D 192 17.87 34.51 -6.56
N GLU D 193 17.76 34.52 -7.89
CA GLU D 193 16.98 33.54 -8.61
C GLU D 193 17.92 32.50 -9.21
N GLY D 194 17.63 31.23 -8.91
CA GLY D 194 18.47 30.13 -9.36
C GLY D 194 17.67 28.86 -9.57
N SER D 195 18.26 27.74 -9.18
CA SER D 195 17.75 26.41 -9.47
C SER D 195 17.76 25.53 -8.23
N LEU D 196 17.13 24.34 -8.37
CA LEU D 196 17.37 23.24 -7.47
C LEU D 196 18.80 22.76 -7.75
N THR D 197 19.45 22.18 -6.73
CA THR D 197 20.84 21.81 -6.85
C THR D 197 20.99 20.30 -6.98
N THR D 198 19.87 19.65 -7.29
CA THR D 198 19.87 18.23 -7.54
C THR D 198 18.93 18.03 -8.72
N PRO D 199 19.10 16.97 -9.53
CA PRO D 199 18.17 16.73 -10.63
C PRO D 199 16.77 16.70 -10.03
N PRO D 200 15.75 17.30 -10.65
CA PRO D 200 15.85 17.93 -11.98
C PRO D 200 16.52 19.29 -12.24
N CYS D 201 17.05 20.00 -11.23
CA CYS D 201 17.75 21.28 -11.41
C CYS D 201 16.90 22.34 -12.11
N ALA D 202 15.60 22.34 -11.79
CA ALA D 202 14.65 23.27 -12.36
C ALA D 202 14.93 24.70 -11.90
N GLN D 203 14.71 25.68 -12.80
CA GLN D 203 15.00 27.10 -12.55
C GLN D 203 13.78 27.82 -11.98
N GLY D 204 13.92 29.13 -11.66
CA GLY D 204 12.83 29.92 -11.10
C GLY D 204 12.72 29.79 -9.57
N VAL D 205 13.72 29.19 -8.93
CA VAL D 205 13.77 29.05 -7.48
C VAL D 205 14.34 30.32 -6.87
N ILE D 206 13.62 30.87 -5.88
CA ILE D 206 14.12 32.02 -5.15
C ILE D 206 14.92 31.53 -3.94
N TRP D 207 16.20 31.84 -3.97
CA TRP D 207 17.13 31.50 -2.89
C TRP D 207 17.36 32.70 -1.99
N THR D 208 17.21 32.46 -0.68
CA THR D 208 17.47 33.47 0.32
C THR D 208 18.57 32.91 1.20
N VAL D 209 19.71 33.63 1.32
CA VAL D 209 20.88 33.10 2.02
C VAL D 209 21.17 34.06 3.16
N PHE D 210 21.03 33.59 4.40
CA PHE D 210 21.20 34.42 5.59
C PHE D 210 22.63 34.92 5.67
N GLN D 211 22.80 36.15 6.15
CA GLN D 211 24.15 36.64 6.47
C GLN D 211 24.68 36.03 7.76
N GLN D 212 23.86 36.02 8.82
CA GLN D 212 24.29 35.44 10.09
C GLN D 212 24.34 33.91 9.95
N THR D 213 25.36 33.29 10.58
CA THR D 213 25.55 31.85 10.56
C THR D 213 25.02 31.25 11.86
N VAL D 214 25.01 29.93 11.89
CA VAL D 214 24.56 29.12 13.00
C VAL D 214 25.78 28.32 13.45
N MET D 215 25.99 28.22 14.77
CA MET D 215 27.15 27.52 15.31
C MET D 215 26.80 26.12 15.81
N LEU D 216 27.58 25.15 15.34
CA LEU D 216 27.62 23.79 15.83
C LEU D 216 28.99 23.56 16.45
N SER D 217 29.05 22.64 17.41
CA SER D 217 30.30 22.23 18.05
C SER D 217 31.05 21.33 17.08
N ALA D 218 32.35 21.17 17.33
CA ALA D 218 33.18 20.39 16.43
C ALA D 218 32.65 18.95 16.39
N LYS D 219 32.27 18.44 17.56
CA LYS D 219 31.71 17.09 17.68
C LYS D 219 30.44 16.93 16.84
N GLN D 220 29.53 17.92 16.91
CA GLN D 220 28.29 17.94 16.14
C GLN D 220 28.59 17.90 14.65
N LEU D 221 29.57 18.72 14.22
CA LEU D 221 29.93 18.76 12.80
C LEU D 221 30.49 17.40 12.40
N HIS D 222 31.24 16.74 13.31
CA HIS D 222 31.79 15.42 12.99
C HIS D 222 30.67 14.36 12.94
N THR D 223 29.70 14.46 13.86
CA THR D 223 28.54 13.58 13.82
C THR D 223 27.85 13.70 12.45
N LEU D 224 27.59 14.95 12.00
CA LEU D 224 26.95 15.19 10.71
C LEU D 224 27.70 14.52 9.56
N SER D 225 29.03 14.64 9.54
CA SER D 225 29.79 14.24 8.37
C SER D 225 30.27 12.79 8.41
N ASP D 226 30.18 12.14 9.57
CA ASP D 226 30.85 10.86 9.75
C ASP D 226 29.86 9.72 9.98
N THR D 227 28.54 9.98 10.03
CA THR D 227 27.60 8.97 10.54
C THR D 227 26.89 8.25 9.39
N LEU D 228 26.61 8.93 8.27
CA LEU D 228 25.66 8.40 7.29
C LEU D 228 26.42 7.75 6.14
N TRP D 229 25.87 6.67 5.59
CA TRP D 229 26.43 5.98 4.45
C TRP D 229 25.57 6.21 3.21
N GLY D 230 26.23 6.19 2.06
CA GLY D 230 25.61 6.55 0.81
C GLY D 230 25.72 5.40 -0.18
N PRO D 231 25.59 5.66 -1.52
CA PRO D 231 25.54 4.59 -2.51
C PRO D 231 26.89 3.89 -2.58
N GLY D 232 26.90 2.67 -3.14
CA GLY D 232 28.05 1.79 -3.00
C GLY D 232 28.35 1.57 -1.52
N ASP D 233 29.62 1.47 -1.16
CA ASP D 233 29.95 1.25 0.24
C ASP D 233 30.58 2.51 0.80
N SER D 234 30.22 3.68 0.26
CA SER D 234 30.90 4.94 0.59
C SER D 234 30.18 5.67 1.72
N ARG D 235 30.96 6.41 2.53
CA ARG D 235 30.40 7.39 3.43
C ARG D 235 29.67 8.49 2.64
N LEU D 236 28.57 8.98 3.22
CA LEU D 236 27.82 10.08 2.65
C LEU D 236 28.51 11.37 3.12
N GLN D 237 29.29 11.95 2.21
CA GLN D 237 30.16 13.08 2.52
C GLN D 237 30.37 13.95 1.28
N LEU D 238 30.69 15.23 1.49
CA LEU D 238 30.98 16.13 0.37
C LEU D 238 29.78 16.17 -0.57
N ASN D 239 28.56 16.24 -0.01
CA ASN D 239 27.32 16.17 -0.78
C ASN D 239 26.86 17.57 -1.20
N PHE D 240 27.78 18.34 -1.81
CA PHE D 240 27.50 19.68 -2.31
C PHE D 240 27.73 19.71 -3.81
N ARG D 241 26.95 20.53 -4.52
CA ARG D 241 27.17 20.71 -5.93
C ARG D 241 28.22 21.82 -6.13
N ALA D 242 29.01 21.72 -7.22
CA ALA D 242 29.98 22.75 -7.58
C ALA D 242 29.30 24.10 -7.78
N THR D 243 29.97 25.18 -7.38
CA THR D 243 29.40 26.51 -7.58
C THR D 243 29.18 26.72 -9.07
N GLN D 244 28.17 27.53 -9.40
CA GLN D 244 27.73 27.70 -10.78
C GLN D 244 27.88 29.18 -11.08
N PRO D 245 28.14 29.60 -12.35
CA PRO D 245 28.28 31.03 -12.66
C PRO D 245 26.98 31.83 -12.55
N LEU D 246 27.07 33.06 -12.08
CA LEU D 246 25.93 33.95 -12.04
C LEU D 246 25.39 34.24 -13.44
N ASN D 247 26.29 34.28 -14.43
CA ASN D 247 25.89 34.45 -15.82
C ASN D 247 25.06 35.72 -16.01
N GLY D 248 25.39 36.76 -15.27
CA GLY D 248 24.76 38.06 -15.44
C GLY D 248 23.65 38.36 -14.43
N ARG D 249 23.23 37.36 -13.63
CA ARG D 249 22.32 37.63 -12.53
C ARG D 249 23.00 38.54 -11.53
N VAL D 250 22.23 39.42 -10.89
CA VAL D 250 22.70 40.18 -9.74
C VAL D 250 22.08 39.66 -8.45
N ILE D 251 22.92 39.42 -7.43
CA ILE D 251 22.45 39.00 -6.12
C ILE D 251 21.97 40.26 -5.38
N GLU D 252 20.76 40.21 -4.80
CA GLU D 252 20.28 41.31 -3.99
C GLU D 252 20.69 41.08 -2.53
N ALA D 253 20.86 42.19 -1.80
CA ALA D 253 21.13 42.17 -0.36
C ALA D 253 20.09 43.04 0.35
N SER D 254 19.57 42.57 1.52
CA SER D 254 18.57 43.31 2.26
C SER D 254 19.20 44.44 3.08
N PHE D 255 20.53 44.56 3.06
CA PHE D 255 21.22 45.55 3.89
C PHE D 255 22.34 46.23 3.09
N PRO D 256 22.76 47.46 3.49
CA PRO D 256 23.85 48.17 2.79
C PRO D 256 25.26 47.64 3.04
#